data_4IRS
#
_entry.id   4IRS
#
_cell.length_a   78.970
_cell.length_b   191.400
_cell.length_c   151.220
_cell.angle_alpha   90.00
_cell.angle_beta   90.00
_cell.angle_gamma   90.00
#
_symmetry.space_group_name_H-M   'C 2 2 21'
#
loop_
_entity.id
_entity.type
_entity.pdbx_description
1 polymer 'Antigen-presenting glycoprotein CD1d1'
2 polymer Beta-2-microglobulin
3 polymer 'Valpha14 (mouse variable domain, human constant domain)'
4 polymer 'Vbeta8.2 (mouse variable domain, human constant domain)'
5 branched 2-acetamido-2-deoxy-beta-D-glucopyranose-(1-4)-2-acetamido-2-deoxy-beta-D-glucopyranose
6 branched 2-acetamido-2-deoxy-beta-D-glucopyranose-(1-4)-[beta-L-fucopyranose-(1-6)]2-acetamido-2-deoxy-beta-D-glucopyranose
7 non-polymer 2-acetamido-2-deoxy-beta-D-glucopyranose
8 non-polymer N-[(2S,3S,4R)-3,4-dihydroxy-1-{[6-O-(pyridin-4-ylcarbamoyl)-alpha-D-galactopyranosyl]oxy}octadecan-2-yl]hexacosanamide
9 water water
#
loop_
_entity_poly.entity_id
_entity_poly.type
_entity_poly.pdbx_seq_one_letter_code
_entity_poly.pdbx_strand_id
1 'polypeptide(L)'
;SEAQQKNYTFRCLQMSSFANRSWSRTDSVVWLGDLQTHRWSNDSATISFTKPWSQGKLSNQQWEKLQHMFQVYRVSFTRD
IQELVKMMSPKEDYPIEIQLSAGCEMYPGNASESFLHVAFQGKYVVRFWGTSWQTVPGAPSWLDLPIKVLNADQGTSATV
QMLLNDTCPLFVRGLLEAGKSDLEKQEKPVAWLSSVPSSAHGHRQLVCHVSGFYPKPVWVMWMRGDQEQQGTHRGDFLPN
ADETWYLQATLDVEAGEEAGLACRVKHSSLGGQDIILYWHHHHHH
;
A
2 'polypeptide(L)'
;IQKTPQIQVYSRHPPENGKPNILNCYVTQFHPPHIEIQMLKNGKKIPKVEMSDMSFSKDWSFYILAHTEFTPTETDTYAC
RVKHASMAEPKTVYWDRDM
;
B
3 'polypeptide(L)'
;MKTQVEQSPQSLVVRQGENCVLQCNYSVTPDNHLRWFKQDTGKGLVSLTVLVDQKDKTSNGRYSATLDKDAKHSTLHITA
TLLDDTATYICVVGDRGSALGRLHFGAGTQLIVIPDIQNPDPAVYQLRDSKSSDKSVCLFTDFDSQTNVSQSKDSDVYIT
DKCVLDMRSMDFKSNSAVAWSNKSDFACANAFNNSIIPEDTFFPSPESS
;
C
4 'polypeptide(L)'
;MEAAVTQSPRNKVAVTGGKVTLSCNQTNNHNNMYWYRQDTGHGLRLIHYSYGAGSTEKGDIPDGYKASRPSQENFSLILE
LATPSQTSVYFCASGDEGYTQYFGPGTRLLVLEDLRNVTPPKVSLFEPSKAEISHTQKATLVCLATGFYPDHVELSWWVN
GKEVHSGVCTDPQPLKEQPALNDSRYSLSSRLRVSATFWQNPRNHFRCQVQFYGLSENDEWTQDRAKPVTQIVSAEAWGR
A
;
D
#
# COMPACT_ATOMS: atom_id res chain seq x y z
N LYS A 6 19.88 -33.16 25.42
CA LYS A 6 18.87 -33.14 24.32
C LYS A 6 18.68 -31.73 23.74
N ASN A 7 19.04 -31.58 22.46
CA ASN A 7 18.91 -30.30 21.75
C ASN A 7 17.51 -30.11 21.15
N TYR A 8 16.77 -29.12 21.65
CA TYR A 8 15.39 -28.93 21.22
C TYR A 8 15.25 -27.91 20.09
N THR A 9 14.61 -28.34 18.99
CA THR A 9 14.31 -27.46 17.87
C THR A 9 12.88 -26.95 17.89
N PHE A 10 12.74 -25.63 17.90
CA PHE A 10 11.48 -24.95 17.81
C PHE A 10 11.22 -24.55 16.36
N ARG A 11 10.07 -24.92 15.84
CA ARG A 11 9.73 -24.73 14.44
C ARG A 11 8.40 -24.03 14.24
N CYS A 12 8.40 -22.93 13.48
CA CYS A 12 7.16 -22.33 13.02
C CYS A 12 6.98 -22.68 11.56
N LEU A 13 5.99 -23.50 11.25
CA LEU A 13 5.83 -23.90 9.87
C LEU A 13 4.62 -23.21 9.30
N GLN A 14 4.87 -22.41 8.27
CA GLN A 14 3.82 -21.68 7.55
C GLN A 14 3.68 -22.22 6.14
N MET A 15 2.44 -22.46 5.72
CA MET A 15 2.16 -22.87 4.39
C MET A 15 1.07 -21.98 3.80
N SER A 16 1.36 -21.40 2.64
CA SER A 16 0.46 -20.46 1.99
C SER A 16 0.23 -20.84 0.52
N SER A 17 -1.04 -20.88 0.14
CA SER A 17 -1.42 -21.23 -1.23
C SER A 17 -2.09 -20.05 -1.89
N PHE A 18 -1.70 -19.78 -3.13
CA PHE A 18 -2.36 -18.77 -3.94
C PHE A 18 -2.82 -19.42 -5.23
N ALA A 19 -4.14 -19.58 -5.38
CA ALA A 19 -4.70 -20.32 -6.52
C ALA A 19 -4.76 -19.49 -7.80
N ASN A 20 -5.10 -18.22 -7.62
CA ASN A 20 -5.23 -17.25 -8.71
C ASN A 20 -4.99 -15.84 -8.12
N ARG A 21 -5.40 -14.78 -8.83
CA ARG A 21 -5.15 -13.41 -8.39
C ARG A 21 -5.89 -13.03 -7.09
N SER A 22 -6.97 -13.74 -6.78
CA SER A 22 -7.82 -13.34 -5.66
C SER A 22 -7.86 -14.30 -4.47
N TRP A 23 -7.74 -15.60 -4.73
CA TRP A 23 -7.93 -16.62 -3.70
C TRP A 23 -6.65 -17.01 -3.01
N SER A 24 -6.69 -17.16 -1.70
CA SER A 24 -5.49 -17.40 -0.91
C SER A 24 -5.82 -17.92 0.50
N ARG A 25 -5.04 -18.86 0.99
CA ARG A 25 -5.14 -19.27 2.40
C ARG A 25 -3.75 -19.47 3.01
N THR A 26 -3.64 -19.14 4.29
CA THR A 26 -2.40 -19.33 5.06
C THR A 26 -2.69 -20.03 6.38
N ASP A 27 -2.04 -21.18 6.58
CA ASP A 27 -2.19 -21.98 7.79
C ASP A 27 -0.82 -22.18 8.43
N SER A 28 -0.77 -22.21 9.77
CA SER A 28 0.50 -22.47 10.46
C SER A 28 0.36 -23.45 11.60
N VAL A 29 1.41 -24.26 11.79
CA VAL A 29 1.52 -25.12 12.96
C VAL A 29 2.88 -24.80 13.58
N VAL A 30 3.01 -25.07 14.88
CA VAL A 30 4.23 -24.78 15.60
C VAL A 30 4.64 -26.01 16.39
N TRP A 31 5.93 -26.35 16.36
CA TRP A 31 6.47 -27.54 17.02
C TRP A 31 7.62 -27.24 17.93
N LEU A 32 7.65 -27.90 19.08
CA LEU A 32 8.83 -27.94 19.94
C LEU A 32 9.31 -29.37 20.02
N GLY A 33 10.41 -29.67 19.33
CA GLY A 33 10.77 -31.06 19.07
C GLY A 33 9.67 -31.65 18.21
N ASP A 34 9.06 -32.74 18.67
CA ASP A 34 7.97 -33.41 17.94
C ASP A 34 6.59 -33.18 18.56
N LEU A 35 6.47 -32.18 19.43
CA LEU A 35 5.18 -31.83 20.06
C LEU A 35 4.60 -30.55 19.51
N GLN A 36 3.37 -30.59 19.02
CA GLN A 36 2.70 -29.37 18.53
C GLN A 36 2.32 -28.45 19.69
N THR A 37 2.67 -27.17 19.57
CA THR A 37 2.38 -26.19 20.62
C THR A 37 1.39 -25.12 20.20
N HIS A 38 1.27 -24.86 18.90
CA HIS A 38 0.30 -23.89 18.40
C HIS A 38 -0.25 -24.37 17.10
N ARG A 39 -1.44 -23.90 16.78
CA ARG A 39 -2.02 -24.08 15.47
C ARG A 39 -2.55 -22.69 15.16
N TRP A 40 -2.44 -22.28 13.91
CA TRP A 40 -3.06 -21.03 13.49
C TRP A 40 -3.61 -21.16 12.12
N SER A 41 -4.89 -21.46 12.04
CA SER A 41 -5.50 -21.75 10.74
C SER A 41 -6.04 -20.48 10.11
N ASN A 42 -6.18 -20.51 8.79
CA ASN A 42 -6.65 -19.35 8.03
C ASN A 42 -7.94 -18.79 8.59
N ASP A 43 -8.83 -19.67 9.02
CA ASP A 43 -10.20 -19.31 9.43
C ASP A 43 -10.24 -18.47 10.71
N SER A 44 -9.16 -18.56 11.49
CA SER A 44 -9.09 -18.02 12.84
C SER A 44 -8.29 -16.72 12.95
N ALA A 45 -8.86 -15.75 13.67
CA ALA A 45 -8.26 -14.41 13.82
C ALA A 45 -7.05 -14.45 14.76
N THR A 46 -7.02 -15.45 15.63
CA THR A 46 -6.01 -15.54 16.69
C THR A 46 -5.25 -16.87 16.65
N ILE A 47 -4.09 -16.91 17.31
CA ILE A 47 -3.26 -18.10 17.35
C ILE A 47 -3.75 -19.02 18.46
N SER A 48 -3.96 -20.30 18.14
CA SER A 48 -4.44 -21.26 19.15
C SER A 48 -3.31 -21.97 19.89
N PHE A 49 -3.48 -22.11 21.20
CA PHE A 49 -2.60 -22.94 22.01
C PHE A 49 -3.07 -24.36 21.85
N THR A 50 -2.15 -25.27 21.61
CA THR A 50 -2.46 -26.69 21.58
C THR A 50 -1.81 -27.42 22.77
N LYS A 51 -1.28 -26.64 23.71
CA LYS A 51 -0.79 -27.18 24.99
C LYS A 51 -1.12 -26.17 26.06
N PRO A 52 -1.36 -26.63 27.31
CA PRO A 52 -1.65 -25.67 28.41
C PRO A 52 -0.56 -24.62 28.52
N TRP A 53 0.68 -25.03 28.33
CA TRP A 53 1.86 -24.17 28.53
C TRP A 53 2.36 -23.50 27.27
N SER A 54 1.51 -23.36 26.27
CA SER A 54 1.94 -22.86 24.95
C SER A 54 2.30 -21.38 24.96
N GLN A 55 1.82 -20.65 25.97
CA GLN A 55 2.16 -19.24 26.14
C GLN A 55 3.58 -19.07 26.69
N GLY A 56 4.19 -20.17 27.10
CA GLY A 56 5.54 -20.13 27.68
C GLY A 56 5.59 -19.33 28.98
N LYS A 57 6.62 -18.52 29.13
CA LYS A 57 6.75 -17.63 30.30
C LYS A 57 6.46 -16.17 29.94
N LEU A 58 5.73 -15.95 28.85
CA LEU A 58 5.35 -14.60 28.46
C LEU A 58 4.14 -14.12 29.24
N SER A 59 4.16 -12.86 29.68
CA SER A 59 2.97 -12.28 30.30
C SER A 59 1.85 -12.20 29.28
N ASN A 60 0.62 -11.94 29.73
CA ASN A 60 -0.47 -11.72 28.78
C ASN A 60 -0.18 -10.53 27.87
N GLN A 61 0.30 -9.43 28.44
CA GLN A 61 0.58 -8.25 27.63
C GLN A 61 1.61 -8.55 26.54
N GLN A 62 2.68 -9.28 26.87
CA GLN A 62 3.72 -9.62 25.90
C GLN A 62 3.20 -10.50 24.76
N TRP A 63 2.36 -11.48 25.11
CA TRP A 63 1.73 -12.33 24.12
C TRP A 63 0.78 -11.59 23.22
N GLU A 64 -0.02 -10.66 23.77
CA GLU A 64 -1.02 -9.96 22.97
C GLU A 64 -0.33 -9.11 21.92
N LYS A 65 0.78 -8.50 22.32
CA LYS A 65 1.56 -7.63 21.47
C LYS A 65 2.29 -8.44 20.39
N LEU A 66 2.65 -9.67 20.74
CA LEU A 66 3.32 -10.57 19.82
C LEU A 66 2.34 -11.18 18.80
N GLN A 67 1.19 -11.63 19.27
CA GLN A 67 0.16 -12.09 18.38
C GLN A 67 -0.24 -11.00 17.40
N HIS A 68 -0.43 -9.79 17.91
CA HIS A 68 -0.86 -8.67 17.08
C HIS A 68 0.12 -8.43 15.95
N MET A 69 1.40 -8.66 16.22
CA MET A 69 2.41 -8.48 15.22
C MET A 69 2.24 -9.51 14.09
N PHE A 70 1.95 -10.76 14.46
CA PHE A 70 1.72 -11.78 13.46
C PHE A 70 0.45 -11.50 12.68
N GLN A 71 -0.59 -11.07 13.39
CA GLN A 71 -1.87 -10.78 12.76
C GLN A 71 -1.72 -9.83 11.60
N VAL A 72 -0.87 -8.81 11.80
CA VAL A 72 -0.52 -7.85 10.76
C VAL A 72 0.36 -8.51 9.71
N TYR A 73 1.37 -9.27 10.16
CA TYR A 73 2.24 -9.99 9.23
C TYR A 73 1.44 -10.85 8.21
N ARG A 74 0.47 -11.62 8.70
CA ARG A 74 -0.28 -12.53 7.84
C ARG A 74 -1.01 -11.83 6.70
N VAL A 75 -1.68 -10.72 7.03
CA VAL A 75 -2.41 -9.93 6.07
C VAL A 75 -1.41 -9.28 5.11
N SER A 76 -0.34 -8.74 5.67
CA SER A 76 0.69 -8.08 4.90
C SER A 76 1.38 -9.03 3.92
N PHE A 77 1.84 -10.17 4.45
CA PHE A 77 2.41 -11.24 3.63
C PHE A 77 1.54 -11.59 2.42
N THR A 78 0.26 -11.83 2.66
CA THR A 78 -0.67 -12.18 1.58
C THR A 78 -0.60 -11.17 0.48
N ARG A 79 -0.70 -9.88 0.82
CA ARG A 79 -0.72 -8.85 -0.21
C ARG A 79 0.64 -8.72 -0.92
N ASP A 80 1.71 -8.83 -0.15
CA ASP A 80 3.05 -8.65 -0.70
C ASP A 80 3.39 -9.71 -1.74
N ILE A 81 3.02 -10.97 -1.48
CA ILE A 81 3.18 -12.05 -2.46
C ILE A 81 2.44 -11.67 -3.76
N GLN A 82 1.17 -11.28 -3.62
CA GLN A 82 0.33 -10.82 -4.73
C GLN A 82 0.96 -9.68 -5.53
N GLU A 83 1.58 -8.71 -4.85
CA GLU A 83 2.22 -7.59 -5.56
C GLU A 83 3.51 -8.02 -6.19
N LEU A 84 4.19 -8.97 -5.56
CA LEU A 84 5.37 -9.55 -6.17
C LEU A 84 5.02 -10.31 -7.47
N VAL A 85 3.93 -11.07 -7.45
CA VAL A 85 3.50 -11.85 -8.60
C VAL A 85 3.21 -10.91 -9.77
N LYS A 86 2.59 -9.79 -9.46
CA LYS A 86 2.38 -8.68 -10.40
C LYS A 86 3.68 -8.13 -10.93
N MET A 87 4.65 -7.94 -10.05
CA MET A 87 5.94 -7.35 -10.44
C MET A 87 6.74 -8.26 -11.36
N MET A 88 6.56 -9.57 -11.23
CA MET A 88 7.35 -10.52 -11.99
C MET A 88 6.70 -10.92 -13.28
N SER A 89 5.37 -10.99 -13.28
CA SER A 89 4.59 -11.48 -14.43
C SER A 89 5.07 -10.88 -15.75
N PRO A 90 5.07 -11.70 -16.82
CA PRO A 90 4.49 -13.04 -16.87
C PRO A 90 5.48 -14.16 -16.54
N LYS A 91 6.62 -13.79 -15.97
CA LYS A 91 7.66 -14.75 -15.59
C LYS A 91 7.12 -15.80 -14.63
N GLU A 92 6.40 -15.38 -13.60
CA GLU A 92 5.83 -16.33 -12.65
C GLU A 92 4.33 -16.13 -12.49
N ASP A 93 3.61 -17.21 -12.23
CA ASP A 93 2.15 -17.19 -12.28
C ASP A 93 1.50 -18.20 -11.32
N TYR A 94 0.24 -17.99 -10.97
CA TYR A 94 -0.49 -18.89 -10.08
C TYR A 94 -0.77 -20.21 -10.80
N PRO A 95 -1.02 -21.30 -10.05
CA PRO A 95 -0.96 -21.48 -8.59
C PRO A 95 0.46 -21.31 -8.02
N ILE A 96 0.54 -20.79 -6.79
CA ILE A 96 1.82 -20.62 -6.10
C ILE A 96 1.75 -21.20 -4.68
N GLU A 97 2.86 -21.80 -4.24
CA GLU A 97 3.02 -22.33 -2.88
C GLU A 97 4.24 -21.75 -2.20
N ILE A 98 4.02 -20.95 -1.15
CA ILE A 98 5.12 -20.50 -0.32
C ILE A 98 5.07 -21.28 0.98
N GLN A 99 6.24 -21.72 1.43
CA GLN A 99 6.39 -22.29 2.74
C GLN A 99 7.49 -21.54 3.46
N LEU A 100 7.29 -21.33 4.76
CA LEU A 100 8.30 -20.76 5.64
C LEU A 100 8.59 -21.72 6.76
N SER A 101 9.85 -21.77 7.14
CA SER A 101 10.25 -22.59 8.27
C SER A 101 11.15 -21.74 9.15
N ALA A 102 10.61 -21.25 10.26
CA ALA A 102 11.33 -20.31 11.11
C ALA A 102 11.37 -20.81 12.55
N GLY A 103 12.40 -20.40 13.27
CA GLY A 103 12.59 -20.77 14.65
C GLY A 103 14.05 -20.82 15.02
N CYS A 104 14.33 -21.52 16.11
CA CYS A 104 15.68 -21.59 16.70
C CYS A 104 15.98 -23.00 17.22
N GLU A 105 17.26 -23.36 17.26
CA GLU A 105 17.67 -24.63 17.87
C GLU A 105 18.37 -24.31 19.18
N MET A 106 17.90 -24.92 20.26
CA MET A 106 18.43 -24.60 21.62
C MET A 106 19.54 -25.55 22.03
N TYR A 107 20.62 -24.98 22.54
CA TYR A 107 21.82 -25.73 22.92
C TYR A 107 22.11 -25.59 24.41
N PRO A 108 23.01 -26.44 24.95
CA PRO A 108 23.38 -26.34 26.39
C PRO A 108 24.03 -24.99 26.68
N GLY A 109 23.94 -24.57 27.93
CA GLY A 109 24.30 -23.20 28.29
C GLY A 109 23.18 -22.30 27.81
N ASN A 110 23.52 -21.09 27.41
CA ASN A 110 22.51 -20.19 26.87
C ASN A 110 22.74 -19.94 25.40
N ALA A 111 23.31 -20.95 24.72
CA ALA A 111 23.58 -20.86 23.29
C ALA A 111 22.37 -21.30 22.47
N SER A 112 22.18 -20.65 21.32
CA SER A 112 21.17 -21.05 20.35
C SER A 112 21.54 -20.61 18.93
N GLU A 113 20.66 -20.92 17.99
CA GLU A 113 20.87 -20.60 16.60
C GLU A 113 19.48 -20.50 15.99
N SER A 114 19.18 -19.38 15.33
CA SER A 114 17.87 -19.14 14.73
C SER A 114 17.95 -19.27 13.21
N PHE A 115 16.81 -19.55 12.56
CA PHE A 115 16.77 -19.66 11.11
C PHE A 115 15.45 -19.14 10.59
N LEU A 116 15.42 -18.77 9.32
CA LEU A 116 14.18 -18.42 8.66
C LEU A 116 14.34 -18.78 7.19
N HIS A 117 13.75 -19.91 6.80
CA HIS A 117 13.95 -20.44 5.46
C HIS A 117 12.69 -20.34 4.70
N VAL A 118 12.79 -20.03 3.41
CA VAL A 118 11.61 -19.85 2.59
C VAL A 118 11.64 -20.74 1.35
N ALA A 119 10.53 -21.42 1.11
CA ALA A 119 10.41 -22.30 -0.05
C ALA A 119 9.35 -21.80 -1.03
N PHE A 120 9.66 -21.91 -2.30
CA PHE A 120 8.75 -21.49 -3.38
C PHE A 120 8.51 -22.71 -4.28
N GLN A 121 7.24 -23.08 -4.43
CA GLN A 121 6.87 -24.28 -5.21
C GLN A 121 7.64 -25.52 -4.73
N GLY A 122 7.87 -25.59 -3.42
CA GLY A 122 8.49 -26.76 -2.83
C GLY A 122 10.00 -26.78 -2.88
N LYS A 123 10.63 -25.73 -3.42
CA LYS A 123 12.09 -25.65 -3.42
C LYS A 123 12.53 -24.54 -2.49
N TYR A 124 13.47 -24.85 -1.61
CA TYR A 124 14.07 -23.86 -0.71
C TYR A 124 14.86 -22.86 -1.55
N VAL A 125 14.54 -21.57 -1.41
CA VAL A 125 15.15 -20.53 -2.28
C VAL A 125 15.72 -19.33 -1.53
N VAL A 126 15.09 -18.96 -0.43
CA VAL A 126 15.39 -17.73 0.26
C VAL A 126 15.53 -17.98 1.75
N ARG A 127 16.32 -17.14 2.42
CA ARG A 127 16.40 -17.16 3.88
C ARG A 127 16.68 -15.78 4.44
N PHE A 128 16.37 -15.59 5.72
CA PHE A 128 16.88 -14.41 6.40
C PHE A 128 18.19 -14.80 7.04
N TRP A 129 19.19 -13.99 6.80
CA TRP A 129 20.51 -14.25 7.32
C TRP A 129 21.17 -12.94 7.65
N GLY A 130 21.58 -12.82 8.90
CA GLY A 130 22.28 -11.63 9.36
C GLY A 130 21.38 -10.42 9.48
N THR A 131 21.31 -9.67 8.40
CA THR A 131 20.67 -8.37 8.36
C THR A 131 19.67 -8.22 7.22
N SER A 132 19.62 -9.24 6.36
CA SER A 132 18.85 -9.15 5.13
C SER A 132 18.35 -10.50 4.60
N TRP A 133 17.51 -10.41 3.57
CA TRP A 133 17.14 -11.57 2.81
C TRP A 133 18.20 -11.83 1.81
N GLN A 134 18.50 -13.11 1.58
CA GLN A 134 19.35 -13.50 0.46
C GLN A 134 18.88 -14.83 -0.14
N THR A 135 19.17 -15.04 -1.42
CA THR A 135 18.81 -16.32 -2.05
C THR A 135 19.88 -17.33 -1.70
N VAL A 136 19.49 -18.58 -1.53
CA VAL A 136 20.43 -19.67 -1.32
C VAL A 136 20.91 -20.24 -2.65
N PRO A 137 22.03 -20.96 -2.64
CA PRO A 137 22.55 -21.53 -3.90
C PRO A 137 21.51 -22.41 -4.60
N GLY A 138 21.38 -22.24 -5.92
CA GLY A 138 20.42 -23.01 -6.72
C GLY A 138 19.16 -22.26 -7.11
N ALA A 139 18.99 -21.06 -6.55
CA ALA A 139 17.77 -20.29 -6.69
C ALA A 139 17.77 -19.58 -8.02
N PRO A 140 16.58 -19.44 -8.64
CA PRO A 140 16.49 -18.74 -9.92
C PRO A 140 16.83 -17.24 -9.76
N SER A 141 17.51 -16.67 -10.76
CA SER A 141 17.98 -15.29 -10.71
C SER A 141 16.90 -14.23 -10.64
N TRP A 142 15.70 -14.58 -11.08
CA TRP A 142 14.60 -13.61 -11.12
C TRP A 142 14.20 -13.19 -9.72
N LEU A 143 14.52 -14.03 -8.74
CA LEU A 143 14.28 -13.71 -7.33
C LEU A 143 15.07 -12.50 -6.82
N ASP A 144 16.06 -12.04 -7.60
CA ASP A 144 16.82 -10.88 -7.22
C ASP A 144 15.98 -9.59 -7.14
N LEU A 145 14.93 -9.48 -7.96
CA LEU A 145 14.01 -8.35 -7.83
C LEU A 145 13.21 -8.41 -6.53
N PRO A 146 12.43 -9.49 -6.31
CA PRO A 146 11.82 -9.65 -4.99
C PRO A 146 12.76 -9.35 -3.83
N ILE A 147 13.96 -9.97 -3.83
CA ILE A 147 14.92 -9.79 -2.73
C ILE A 147 15.33 -8.32 -2.54
N LYS A 148 15.63 -7.65 -3.64
CA LYS A 148 15.97 -6.24 -3.58
C LYS A 148 14.81 -5.44 -2.97
N VAL A 149 13.58 -5.78 -3.33
CA VAL A 149 12.42 -5.05 -2.86
C VAL A 149 12.18 -5.28 -1.37
N LEU A 150 12.27 -6.54 -0.93
CA LEU A 150 12.06 -6.86 0.48
C LEU A 150 13.13 -6.24 1.34
N ASN A 151 14.35 -6.16 0.81
CA ASN A 151 15.47 -5.53 1.53
C ASN A 151 15.41 -4.01 1.60
N ALA A 152 14.49 -3.38 0.88
CA ALA A 152 14.29 -1.94 0.96
C ALA A 152 13.58 -1.58 2.25
N ASP A 153 12.73 -2.49 2.72
CA ASP A 153 11.89 -2.34 3.90
C ASP A 153 12.72 -2.49 5.17
N GLN A 154 13.19 -1.36 5.71
CA GLN A 154 14.09 -1.37 6.86
C GLN A 154 13.35 -1.80 8.11
N GLY A 155 12.09 -1.36 8.22
CA GLY A 155 11.18 -1.72 9.31
C GLY A 155 11.09 -3.23 9.47
N THR A 156 10.69 -3.92 8.41
CA THR A 156 10.60 -5.38 8.47
C THR A 156 11.94 -6.02 8.85
N SER A 157 13.02 -5.55 8.25
CA SER A 157 14.34 -6.10 8.55
C SER A 157 14.63 -6.07 10.04
N ALA A 158 14.47 -4.90 10.64
CA ALA A 158 14.84 -4.70 12.03
C ALA A 158 14.00 -5.57 12.94
N THR A 159 12.72 -5.71 12.62
CA THR A 159 11.81 -6.57 13.39
C THR A 159 12.21 -8.05 13.29
N VAL A 160 12.39 -8.55 12.08
CA VAL A 160 12.83 -9.93 11.91
C VAL A 160 14.14 -10.23 12.66
N GLN A 161 15.09 -9.29 12.64
CA GLN A 161 16.31 -9.44 13.43
C GLN A 161 16.03 -9.56 14.94
N MET A 162 15.07 -8.78 15.43
CA MET A 162 14.65 -8.87 16.82
C MET A 162 14.04 -10.23 17.11
N LEU A 163 13.17 -10.70 16.22
CA LEU A 163 12.47 -11.98 16.39
C LEU A 163 13.43 -13.15 16.46
N LEU A 164 14.38 -13.17 15.54
CA LEU A 164 15.31 -14.27 15.42
C LEU A 164 16.40 -14.20 16.48
N ASN A 165 16.94 -13.01 16.73
CA ASN A 165 18.06 -12.90 17.67
C ASN A 165 17.63 -13.00 19.14
N ASP A 166 16.46 -12.46 19.46
CA ASP A 166 16.05 -12.34 20.87
C ASP A 166 14.76 -13.04 21.24
N THR A 167 13.68 -12.74 20.52
CA THR A 167 12.38 -13.29 20.90
C THR A 167 12.35 -14.82 20.91
N CYS A 168 12.80 -15.45 19.82
CA CYS A 168 12.82 -16.91 19.74
C CYS A 168 13.55 -17.54 20.93
N PRO A 169 14.88 -17.35 21.05
CA PRO A 169 15.55 -18.05 22.14
C PRO A 169 14.87 -17.80 23.48
N LEU A 170 14.61 -16.53 23.81
CA LEU A 170 13.96 -16.18 25.08
C LEU A 170 12.69 -17.00 25.31
N PHE A 171 11.84 -17.01 24.29
CA PHE A 171 10.53 -17.64 24.34
C PHE A 171 10.62 -19.13 24.49
N VAL A 172 11.63 -19.72 23.88
CA VAL A 172 11.72 -21.17 23.91
C VAL A 172 12.23 -21.62 25.27
N ARG A 173 13.17 -20.85 25.84
CA ARG A 173 13.63 -21.10 27.20
C ARG A 173 12.39 -21.14 28.10
N GLY A 174 11.49 -20.19 27.88
CA GLY A 174 10.25 -20.11 28.64
C GLY A 174 9.36 -21.31 28.41
N LEU A 175 9.27 -21.74 27.15
CA LEU A 175 8.48 -22.92 26.80
C LEU A 175 9.04 -24.18 27.45
N LEU A 176 10.37 -24.31 27.48
CA LEU A 176 11.03 -25.51 28.03
C LEU A 176 10.82 -25.64 29.53
N GLU A 177 10.77 -24.51 30.23
CA GLU A 177 10.46 -24.52 31.65
C GLU A 177 8.99 -24.89 31.82
N ALA A 178 8.10 -24.09 31.23
CA ALA A 178 6.65 -24.30 31.38
C ALA A 178 6.16 -25.70 31.01
N GLY A 179 6.76 -26.31 29.98
CA GLY A 179 6.26 -27.55 29.41
C GLY A 179 7.08 -28.77 29.73
N LYS A 180 8.01 -28.62 30.67
CA LYS A 180 8.90 -29.70 31.13
C LYS A 180 8.18 -31.04 31.34
N SER A 181 7.12 -31.04 32.14
CA SER A 181 6.32 -32.24 32.41
C SER A 181 5.94 -32.97 31.12
N ASP A 182 5.35 -32.26 30.17
CA ASP A 182 4.94 -32.86 28.88
C ASP A 182 6.14 -33.32 28.04
N LEU A 183 7.22 -32.53 28.04
CA LEU A 183 8.41 -32.81 27.23
C LEU A 183 9.13 -34.06 27.69
N GLU A 184 9.13 -34.27 29.00
CA GLU A 184 9.88 -35.36 29.60
C GLU A 184 9.03 -36.61 29.86
N LYS A 185 7.76 -36.58 29.44
CA LYS A 185 6.87 -37.73 29.59
C LYS A 185 7.46 -39.03 29.05
N GLN A 186 7.08 -40.15 29.68
CA GLN A 186 7.50 -41.50 29.28
C GLN A 186 6.26 -42.39 29.16
N GLU A 187 5.98 -42.84 27.93
CA GLU A 187 4.84 -43.71 27.67
C GLU A 187 5.33 -45.06 27.16
N LYS A 188 4.85 -46.15 27.76
CA LYS A 188 5.37 -47.49 27.47
C LYS A 188 4.80 -48.06 26.17
N PRO A 189 5.68 -48.66 25.35
CA PRO A 189 5.20 -49.30 24.12
C PRO A 189 4.50 -50.61 24.41
N VAL A 190 3.62 -51.02 23.50
CA VAL A 190 2.97 -52.32 23.53
C VAL A 190 3.34 -52.94 22.21
N ALA A 191 3.60 -54.24 22.21
CA ALA A 191 3.98 -54.94 21.00
C ALA A 191 3.08 -56.12 20.71
N TRP A 192 3.06 -56.55 19.46
CA TRP A 192 2.28 -57.70 19.01
C TRP A 192 2.79 -58.19 17.68
N LEU A 193 2.53 -59.46 17.37
CA LEU A 193 3.18 -60.09 16.21
C LEU A 193 2.18 -60.61 15.19
N SER A 194 2.66 -60.78 13.96
CA SER A 194 1.83 -61.13 12.82
C SER A 194 2.74 -61.42 11.62
N SER A 195 2.26 -62.23 10.68
CA SER A 195 3.05 -62.62 9.54
C SER A 195 2.31 -62.35 8.24
N VAL A 196 2.98 -62.51 7.11
CA VAL A 196 2.40 -62.23 5.79
C VAL A 196 3.25 -62.80 4.64
N PRO A 197 2.60 -63.31 3.56
CA PRO A 197 3.37 -63.73 2.39
C PRO A 197 3.60 -62.60 1.38
N ARG A 204 8.04 -65.92 3.36
CA ARG A 204 7.10 -65.45 4.39
C ARG A 204 7.73 -64.36 5.28
N GLN A 205 6.97 -63.29 5.54
CA GLN A 205 7.51 -62.16 6.29
C GLN A 205 6.89 -61.94 7.68
N LEU A 206 7.76 -61.80 8.67
CA LEU A 206 7.36 -61.61 10.05
C LEU A 206 7.41 -60.13 10.42
N VAL A 207 6.52 -59.72 11.31
CA VAL A 207 6.32 -58.31 11.61
C VAL A 207 6.21 -58.11 13.13
N CYS A 208 7.04 -57.23 13.65
CA CYS A 208 6.95 -56.84 15.04
C CYS A 208 6.37 -55.43 15.18
N HIS A 209 5.19 -55.34 15.79
CA HIS A 209 4.45 -54.08 15.92
C HIS A 209 4.71 -53.47 17.26
N VAL A 210 5.24 -52.25 17.27
CA VAL A 210 5.46 -51.53 18.52
C VAL A 210 4.71 -50.20 18.44
N SER A 211 3.86 -49.92 19.44
CA SER A 211 3.02 -48.72 19.39
C SER A 211 2.69 -48.15 20.76
N GLY A 212 2.57 -46.82 20.81
CA GLY A 212 2.22 -46.09 22.04
C GLY A 212 3.41 -45.51 22.81
N PHE A 213 4.61 -45.56 22.25
CA PHE A 213 5.80 -45.13 23.01
C PHE A 213 6.19 -43.64 22.86
N TYR A 214 6.69 -43.09 23.97
CA TYR A 214 7.30 -41.76 23.98
C TYR A 214 8.44 -41.70 24.98
N PRO A 215 9.59 -41.12 24.59
CA PRO A 215 9.84 -40.42 23.33
C PRO A 215 10.28 -41.31 22.20
N LYS A 216 10.73 -40.68 21.12
CA LYS A 216 10.98 -41.33 19.84
C LYS A 216 12.08 -42.40 19.83
N PRO A 217 13.23 -42.18 20.52
CA PRO A 217 14.26 -43.24 20.42
C PRO A 217 13.79 -44.61 20.96
N VAL A 218 13.87 -45.63 20.10
CA VAL A 218 13.46 -47.00 20.45
C VAL A 218 14.40 -48.03 19.80
N TRP A 219 14.57 -49.18 20.46
CA TRP A 219 15.36 -50.28 19.91
C TRP A 219 14.52 -51.51 19.69
N VAL A 220 14.45 -51.98 18.44
CA VAL A 220 13.64 -53.16 18.09
C VAL A 220 14.39 -54.11 17.15
N MET A 221 14.57 -55.35 17.61
CA MET A 221 15.30 -56.36 16.84
C MET A 221 14.67 -57.74 16.95
N TRP A 222 14.70 -58.48 15.83
CA TRP A 222 14.30 -59.88 15.80
C TRP A 222 15.43 -60.76 16.29
N MET A 223 15.06 -61.80 17.05
CA MET A 223 16.05 -62.60 17.77
C MET A 223 15.76 -64.10 17.85
N ARG A 224 16.68 -64.91 17.32
CA ARG A 224 16.69 -66.35 17.62
C ARG A 224 17.47 -66.58 18.91
N GLY A 225 16.75 -66.91 19.98
CA GLY A 225 17.34 -67.07 21.31
C GLY A 225 17.90 -65.75 21.79
N ASP A 226 19.19 -65.52 21.50
CA ASP A 226 19.82 -64.22 21.69
C ASP A 226 20.88 -63.91 20.61
N GLN A 227 20.57 -64.26 19.37
CA GLN A 227 21.39 -63.89 18.22
C GLN A 227 20.62 -62.88 17.38
N GLU A 228 20.97 -61.60 17.52
CA GLU A 228 20.30 -60.53 16.80
C GLU A 228 20.26 -60.82 15.30
N GLN A 229 19.08 -61.16 14.80
CA GLN A 229 18.94 -61.42 13.37
C GLN A 229 19.36 -60.19 12.59
N GLN A 230 20.32 -60.39 11.69
CA GLN A 230 20.85 -59.32 10.87
C GLN A 230 19.81 -58.80 9.88
N GLY A 231 18.84 -59.64 9.53
CA GLY A 231 17.87 -59.35 8.47
C GLY A 231 16.77 -58.33 8.80
N THR A 232 16.55 -58.10 10.08
CA THR A 232 15.60 -57.09 10.57
C THR A 232 15.63 -55.78 9.75
N HIS A 233 14.47 -55.38 9.24
CA HIS A 233 14.34 -54.09 8.56
C HIS A 233 13.34 -53.21 9.27
N ARG A 234 13.84 -52.10 9.80
CA ARG A 234 13.02 -51.11 10.47
C ARG A 234 12.19 -50.28 9.49
N GLY A 235 10.93 -50.05 9.85
CA GLY A 235 10.06 -49.14 9.09
C GLY A 235 10.31 -47.72 9.57
N ASP A 236 9.58 -46.77 9.00
CA ASP A 236 9.68 -45.40 9.47
C ASP A 236 8.91 -45.26 10.76
N PHE A 237 9.17 -44.18 11.50
CA PHE A 237 8.39 -43.85 12.67
C PHE A 237 7.08 -43.23 12.22
N LEU A 238 5.97 -43.87 12.56
CA LEU A 238 4.64 -43.38 12.21
C LEU A 238 3.97 -42.82 13.46
N PRO A 239 3.30 -41.67 13.33
CA PRO A 239 2.70 -41.07 14.54
C PRO A 239 1.36 -41.70 14.91
N ASN A 240 1.03 -41.60 16.19
CA ASN A 240 -0.32 -41.81 16.66
C ASN A 240 -0.95 -40.47 16.99
N ALA A 241 -2.29 -40.41 17.00
CA ALA A 241 -3.01 -39.19 17.37
C ALA A 241 -2.67 -38.65 18.77
N ASP A 242 -2.57 -39.53 19.76
CA ASP A 242 -2.36 -39.14 21.16
C ASP A 242 -0.92 -38.74 21.51
N GLU A 243 -0.11 -38.49 20.48
CA GLU A 243 1.25 -37.97 20.64
C GLU A 243 2.21 -39.02 21.18
N THR A 244 2.19 -40.16 20.52
CA THR A 244 3.09 -41.26 20.78
C THR A 244 3.42 -41.80 19.40
N TRP A 245 4.34 -42.76 19.35
CA TRP A 245 4.83 -43.28 18.08
C TRP A 245 4.46 -44.70 17.80
N TYR A 246 4.54 -45.05 16.52
CA TYR A 246 4.36 -46.42 16.06
C TYR A 246 5.52 -46.76 15.14
N LEU A 247 5.91 -48.04 15.13
CA LEU A 247 7.04 -48.54 14.33
C LEU A 247 6.95 -50.06 14.24
N GLN A 248 7.23 -50.57 13.04
CA GLN A 248 7.34 -52.01 12.82
C GLN A 248 8.68 -52.44 12.24
N ALA A 249 9.15 -53.60 12.70
CA ALA A 249 10.33 -54.26 12.15
C ALA A 249 9.93 -55.56 11.46
N THR A 250 10.33 -55.71 10.20
CA THR A 250 9.98 -56.89 9.41
C THR A 250 11.16 -57.83 9.22
N LEU A 251 10.93 -59.14 9.38
CA LEU A 251 11.97 -60.16 9.13
C LEU A 251 11.59 -61.15 8.03
N ASP A 252 12.47 -61.26 7.04
CA ASP A 252 12.31 -62.22 5.95
C ASP A 252 12.69 -63.62 6.45
N VAL A 253 11.82 -64.60 6.23
CA VAL A 253 12.08 -66.01 6.63
C VAL A 253 11.59 -67.08 5.64
N GLU A 254 12.15 -68.28 5.72
CA GLU A 254 11.62 -69.44 5.01
C GLU A 254 10.57 -70.12 5.89
N ALA A 255 9.38 -70.33 5.34
CA ALA A 255 8.25 -70.90 6.09
C ALA A 255 8.67 -72.20 6.81
N GLY A 256 8.19 -72.36 8.05
CA GLY A 256 8.54 -73.52 8.86
C GLY A 256 9.51 -73.20 9.99
N GLU A 257 10.41 -72.24 9.76
CA GLU A 257 11.44 -71.89 10.75
C GLU A 257 11.07 -70.70 11.67
N GLU A 258 9.77 -70.43 11.81
CA GLU A 258 9.26 -69.34 12.65
C GLU A 258 9.48 -69.62 14.13
N ALA A 259 9.06 -70.80 14.58
CA ALA A 259 9.28 -71.23 15.95
C ALA A 259 10.74 -70.97 16.28
N GLY A 260 11.00 -70.44 17.48
CA GLY A 260 12.35 -70.08 17.89
C GLY A 260 12.63 -68.59 17.89
N LEU A 261 12.01 -67.86 16.96
CA LEU A 261 12.20 -66.41 16.84
C LEU A 261 11.39 -65.64 17.90
N ALA A 262 11.99 -64.55 18.38
CA ALA A 262 11.38 -63.69 19.39
C ALA A 262 11.59 -62.21 19.04
N CYS A 263 10.80 -61.34 19.66
CA CYS A 263 10.97 -59.90 19.43
C CYS A 263 11.35 -59.18 20.72
N ARG A 264 12.55 -58.58 20.71
CA ARG A 264 13.00 -57.78 21.85
C ARG A 264 12.86 -56.30 21.53
N VAL A 265 12.32 -55.56 22.50
CA VAL A 265 12.04 -54.14 22.36
C VAL A 265 12.58 -53.39 23.58
N LYS A 266 13.53 -52.49 23.34
CA LYS A 266 14.10 -51.63 24.40
C LYS A 266 13.57 -50.22 24.24
N HIS A 267 13.21 -49.60 25.36
CA HIS A 267 12.72 -48.23 25.37
C HIS A 267 12.80 -47.64 26.77
N SER A 268 13.17 -46.38 26.85
CA SER A 268 13.39 -45.72 28.14
C SER A 268 12.23 -45.84 29.15
N SER A 269 11.01 -46.02 28.67
CA SER A 269 9.83 -46.05 29.55
C SER A 269 9.72 -47.35 30.33
N LEU A 270 10.37 -48.39 29.79
CA LEU A 270 10.29 -49.75 30.32
C LEU A 270 11.14 -49.93 31.56
N GLY A 271 12.07 -48.99 31.78
CA GLY A 271 12.95 -49.01 32.95
C GLY A 271 13.74 -50.30 33.02
N GLY A 272 14.40 -50.63 31.90
CA GLY A 272 15.26 -51.81 31.81
C GLY A 272 14.58 -53.17 31.75
N GLN A 273 13.26 -53.17 31.71
CA GLN A 273 12.48 -54.41 31.61
C GLN A 273 12.03 -54.62 30.17
N ASP A 274 12.99 -54.93 29.30
CA ASP A 274 12.74 -55.15 27.88
C ASP A 274 11.50 -56.02 27.65
N ILE A 275 10.76 -55.74 26.58
CA ILE A 275 9.62 -56.55 26.21
C ILE A 275 10.10 -57.65 25.29
N ILE A 276 9.77 -58.88 25.66
CA ILE A 276 10.17 -60.03 24.87
C ILE A 276 8.91 -60.79 24.40
N LEU A 277 8.89 -61.16 23.13
CA LEU A 277 7.69 -61.72 22.53
C LEU A 277 8.05 -62.87 21.60
N TYR A 278 7.90 -64.10 22.09
CA TYR A 278 8.23 -65.28 21.31
C TYR A 278 7.08 -65.62 20.36
N TRP A 279 7.43 -66.19 19.21
CA TRP A 279 6.43 -66.69 18.27
C TRP A 279 6.16 -68.15 18.48
N GLN B 2 5.82 -32.57 -8.80
CA GLN B 2 4.82 -33.15 -7.84
C GLN B 2 5.34 -34.41 -7.13
N LYS B 3 4.83 -34.65 -5.92
CA LYS B 3 5.05 -35.90 -5.21
C LYS B 3 3.72 -36.65 -5.15
N THR B 4 3.76 -37.96 -5.41
CA THR B 4 2.60 -38.83 -5.27
C THR B 4 2.51 -39.36 -3.82
N PRO B 5 1.31 -39.24 -3.19
CA PRO B 5 1.12 -39.53 -1.77
C PRO B 5 1.57 -40.93 -1.37
N GLN B 6 2.23 -41.03 -0.24
CA GLN B 6 2.43 -42.32 0.41
C GLN B 6 1.34 -42.46 1.45
N ILE B 7 0.66 -43.61 1.43
CA ILE B 7 -0.42 -43.88 2.38
C ILE B 7 -0.02 -45.06 3.24
N GLN B 8 -0.25 -44.96 4.55
CA GLN B 8 0.06 -46.07 5.45
C GLN B 8 -1.01 -46.23 6.52
N VAL B 9 -1.69 -47.40 6.50
CA VAL B 9 -2.79 -47.68 7.44
C VAL B 9 -2.28 -48.59 8.56
N TYR B 10 -2.62 -48.26 9.81
CA TYR B 10 -2.15 -49.02 10.97
C TYR B 10 -3.04 -48.70 12.15
N SER B 11 -3.14 -49.62 13.11
CA SER B 11 -4.00 -49.46 14.29
C SER B 11 -3.22 -49.06 15.54
N ARG B 12 -3.87 -48.30 16.42
CA ARG B 12 -3.24 -47.74 17.61
C ARG B 12 -2.90 -48.81 18.66
N HIS B 13 -3.82 -49.75 18.84
CA HIS B 13 -3.66 -50.84 19.79
C HIS B 13 -3.60 -52.14 19.02
N PRO B 14 -3.15 -53.24 19.67
CA PRO B 14 -3.18 -54.53 18.97
C PRO B 14 -4.63 -54.97 18.62
N PRO B 15 -4.85 -55.46 17.39
CA PRO B 15 -6.18 -55.70 16.83
C PRO B 15 -6.86 -56.95 17.37
N GLU B 16 -8.05 -56.77 17.93
CA GLU B 16 -8.85 -57.84 18.50
C GLU B 16 -10.28 -57.68 18.02
N ASN B 17 -10.80 -58.69 17.32
CA ASN B 17 -12.21 -58.66 16.91
C ASN B 17 -13.14 -58.34 18.08
N GLY B 18 -14.12 -57.47 17.83
CA GLY B 18 -15.13 -57.12 18.83
C GLY B 18 -14.69 -56.02 19.79
N LYS B 19 -13.38 -55.81 19.86
CA LYS B 19 -12.80 -54.81 20.77
C LYS B 19 -12.59 -53.45 20.07
N PRO B 20 -13.34 -52.40 20.51
CA PRO B 20 -13.16 -51.03 20.00
C PRO B 20 -11.69 -50.56 20.06
N ASN B 21 -11.29 -49.72 19.11
CA ASN B 21 -9.88 -49.41 18.79
C ASN B 21 -9.85 -48.08 18.00
N ILE B 22 -8.66 -47.65 17.56
CA ILE B 22 -8.54 -46.48 16.70
C ILE B 22 -7.65 -46.85 15.55
N LEU B 23 -8.04 -46.45 14.35
CA LEU B 23 -7.34 -46.80 13.12
C LEU B 23 -6.79 -45.52 12.47
N ASN B 24 -5.53 -45.60 12.04
CA ASN B 24 -4.78 -44.46 11.53
C ASN B 24 -4.49 -44.57 10.05
N CYS B 25 -4.65 -43.46 9.37
CA CYS B 25 -4.21 -43.33 8.01
C CYS B 25 -3.20 -42.19 7.95
N TYR B 26 -1.95 -42.53 7.62
CA TYR B 26 -0.89 -41.55 7.58
C TYR B 26 -0.48 -41.29 6.14
N VAL B 27 -0.74 -40.05 5.69
CA VAL B 27 -0.49 -39.64 4.31
C VAL B 27 0.67 -38.66 4.20
N THR B 28 1.70 -39.04 3.43
CA THR B 28 2.96 -38.29 3.40
C THR B 28 3.50 -38.09 1.99
N GLN B 29 4.63 -37.39 1.92
CA GLN B 29 5.44 -37.21 0.70
C GLN B 29 4.78 -36.49 -0.47
N PHE B 30 3.70 -35.77 -0.23
CA PHE B 30 2.95 -35.13 -1.34
C PHE B 30 3.15 -33.62 -1.51
N HIS B 31 3.17 -33.19 -2.76
CA HIS B 31 3.18 -31.78 -3.12
C HIS B 31 2.42 -31.69 -4.40
N PRO B 32 1.54 -30.68 -4.53
CA PRO B 32 1.11 -29.61 -3.62
C PRO B 32 0.23 -30.13 -2.46
N PRO B 33 -0.11 -29.26 -1.49
CA PRO B 33 -0.86 -29.60 -0.27
C PRO B 33 -2.35 -29.90 -0.40
N HIS B 34 -2.98 -29.59 -1.53
CA HIS B 34 -4.42 -29.86 -1.62
C HIS B 34 -4.68 -31.33 -1.75
N ILE B 35 -5.45 -31.88 -0.81
CA ILE B 35 -5.73 -33.32 -0.74
C ILE B 35 -7.12 -33.66 -0.19
N GLU B 36 -7.72 -34.74 -0.69
CA GLU B 36 -8.96 -35.27 -0.14
C GLU B 36 -8.69 -36.67 0.41
N ILE B 37 -8.90 -36.82 1.72
CA ILE B 37 -8.63 -38.07 2.41
C ILE B 37 -9.90 -38.56 3.05
N GLN B 38 -10.24 -39.81 2.73
CA GLN B 38 -11.44 -40.44 3.25
C GLN B 38 -11.06 -41.75 3.89
N MET B 39 -11.78 -42.11 4.94
CA MET B 39 -11.60 -43.42 5.56
C MET B 39 -12.87 -44.24 5.37
N LEU B 40 -12.72 -45.40 4.73
CA LEU B 40 -13.85 -46.21 4.30
C LEU B 40 -14.04 -47.48 5.12
N LYS B 41 -15.29 -47.71 5.55
CA LYS B 41 -15.69 -49.01 6.07
C LYS B 41 -16.47 -49.76 5.00
N ASN B 42 -15.95 -50.93 4.59
CA ASN B 42 -16.61 -51.76 3.58
C ASN B 42 -16.96 -50.94 2.36
N GLY B 43 -16.08 -50.02 1.99
CA GLY B 43 -16.31 -49.16 0.84
C GLY B 43 -17.09 -47.89 1.13
N LYS B 44 -17.74 -47.82 2.29
CA LYS B 44 -18.55 -46.63 2.63
C LYS B 44 -17.79 -45.66 3.54
N LYS B 45 -17.93 -44.37 3.25
CA LYS B 45 -17.31 -43.30 4.03
C LYS B 45 -17.73 -43.33 5.50
N ILE B 46 -16.74 -43.47 6.39
CA ILE B 46 -16.93 -43.37 7.83
C ILE B 46 -17.12 -41.88 8.17
N PRO B 47 -18.02 -41.56 9.13
CA PRO B 47 -18.36 -40.15 9.33
C PRO B 47 -17.51 -39.38 10.35
N LYS B 48 -17.26 -39.95 11.53
CA LYS B 48 -16.53 -39.20 12.57
C LYS B 48 -14.98 -39.34 12.46
N VAL B 49 -14.42 -38.77 11.38
CA VAL B 49 -12.98 -38.94 11.07
C VAL B 49 -12.23 -37.67 11.43
N GLU B 50 -11.35 -37.76 12.42
CA GLU B 50 -10.55 -36.60 12.84
C GLU B 50 -9.27 -36.43 12.02
N MET B 51 -8.90 -35.17 11.78
CA MET B 51 -7.69 -34.82 11.02
C MET B 51 -6.72 -34.01 11.85
N SER B 52 -5.45 -34.38 11.82
CA SER B 52 -4.42 -33.56 12.43
C SER B 52 -4.27 -32.32 11.57
N ASP B 53 -3.69 -31.26 12.12
CA ASP B 53 -3.32 -30.14 11.26
C ASP B 53 -2.27 -30.61 10.27
N MET B 54 -2.39 -30.16 9.04
CA MET B 54 -1.33 -30.39 8.09
C MET B 54 0.00 -29.72 8.49
N SER B 55 1.11 -30.33 8.09
CA SER B 55 2.43 -29.90 8.47
C SER B 55 3.38 -30.39 7.36
N PHE B 56 4.67 -30.05 7.43
CA PHE B 56 5.62 -30.60 6.47
C PHE B 56 6.98 -30.92 7.08
N SER B 57 7.72 -31.82 6.45
CA SER B 57 9.04 -32.24 6.93
C SER B 57 10.14 -31.27 6.49
N LYS B 58 11.36 -31.52 6.95
CA LYS B 58 12.52 -30.69 6.60
C LYS B 58 12.73 -30.63 5.10
N ASP B 59 12.41 -31.72 4.40
CA ASP B 59 12.46 -31.79 2.94
C ASP B 59 11.28 -31.10 2.23
N TRP B 60 10.52 -30.29 2.97
CA TRP B 60 9.39 -29.50 2.43
C TRP B 60 8.17 -30.25 2.01
N SER B 61 8.19 -31.58 2.10
CA SER B 61 7.01 -32.36 1.69
C SER B 61 5.96 -32.37 2.79
N PHE B 62 4.70 -32.37 2.38
CA PHE B 62 3.58 -32.31 3.32
C PHE B 62 3.20 -33.67 3.91
N TYR B 63 2.62 -33.65 5.12
CA TYR B 63 2.10 -34.87 5.74
C TYR B 63 0.87 -34.58 6.60
N ILE B 64 0.01 -35.59 6.78
CA ILE B 64 -1.18 -35.41 7.59
C ILE B 64 -1.67 -36.75 8.12
N LEU B 65 -2.21 -36.71 9.35
CA LEU B 65 -2.73 -37.90 9.99
C LEU B 65 -4.26 -37.88 10.13
N ALA B 66 -4.90 -38.91 9.59
CA ALA B 66 -6.33 -39.11 9.78
C ALA B 66 -6.48 -40.30 10.66
N HIS B 67 -7.48 -40.26 11.54
CA HIS B 67 -7.77 -41.41 12.40
C HIS B 67 -9.22 -41.42 12.76
N THR B 68 -9.70 -42.60 13.13
CA THR B 68 -11.08 -42.81 13.50
C THR B 68 -11.24 -44.03 14.40
N GLU B 69 -12.29 -44.01 15.22
CA GLU B 69 -12.67 -45.15 16.04
C GLU B 69 -13.22 -46.28 15.19
N PHE B 70 -12.67 -47.48 15.35
CA PHE B 70 -13.23 -48.62 14.67
C PHE B 70 -13.24 -49.86 15.57
N THR B 71 -13.92 -50.90 15.10
CA THR B 71 -13.93 -52.20 15.75
C THR B 71 -13.66 -53.28 14.70
N PRO B 72 -12.46 -53.88 14.74
CA PRO B 72 -12.13 -54.88 13.74
C PRO B 72 -12.93 -56.17 13.95
N THR B 73 -13.63 -56.62 12.91
CA THR B 73 -14.31 -57.90 12.96
C THR B 73 -13.71 -58.79 11.88
N GLU B 74 -14.16 -60.05 11.84
CA GLU B 74 -13.65 -60.97 10.84
C GLU B 74 -14.06 -60.58 9.42
N THR B 75 -15.27 -60.04 9.29
CA THR B 75 -15.85 -59.75 7.97
C THR B 75 -15.49 -58.40 7.40
N ASP B 76 -15.61 -57.34 8.21
CA ASP B 76 -15.42 -55.93 7.79
C ASP B 76 -14.06 -55.55 7.22
N THR B 77 -14.04 -54.87 6.08
CA THR B 77 -12.80 -54.35 5.49
C THR B 77 -12.69 -52.84 5.63
N TYR B 78 -11.49 -52.36 5.94
CA TYR B 78 -11.22 -50.95 6.20
C TYR B 78 -10.18 -50.39 5.25
N ALA B 79 -10.40 -49.18 4.76
CA ALA B 79 -9.47 -48.58 3.80
C ALA B 79 -9.34 -47.09 3.95
N CYS B 80 -8.30 -46.55 3.32
CA CYS B 80 -8.05 -45.12 3.26
C CYS B 80 -7.86 -44.75 1.80
N ARG B 81 -8.70 -43.83 1.33
CA ARG B 81 -8.79 -43.46 -0.08
C ARG B 81 -8.34 -42.01 -0.21
N VAL B 82 -7.45 -41.76 -1.16
CA VAL B 82 -6.83 -40.45 -1.31
C VAL B 82 -6.95 -39.95 -2.74
N LYS B 83 -7.42 -38.71 -2.89
CA LYS B 83 -7.43 -38.00 -4.18
C LYS B 83 -6.41 -36.84 -4.16
N HIS B 84 -5.58 -36.78 -5.19
CA HIS B 84 -4.54 -35.77 -5.30
C HIS B 84 -4.13 -35.57 -6.73
N ALA B 85 -3.94 -34.32 -7.12
CA ALA B 85 -3.64 -33.93 -8.51
C ALA B 85 -2.55 -34.79 -9.17
N SER B 86 -1.58 -35.21 -8.38
CA SER B 86 -0.47 -36.03 -8.88
C SER B 86 -0.91 -37.41 -9.37
N MET B 87 -2.20 -37.71 -9.24
CA MET B 87 -2.70 -39.03 -9.58
C MET B 87 -3.88 -38.95 -10.56
N ALA B 88 -3.80 -39.73 -11.63
CA ALA B 88 -4.91 -39.86 -12.56
C ALA B 88 -6.10 -40.43 -11.81
N GLU B 89 -5.87 -41.55 -11.12
CA GLU B 89 -6.88 -42.25 -10.34
C GLU B 89 -6.68 -42.01 -8.85
N PRO B 90 -7.78 -42.05 -8.07
CA PRO B 90 -7.71 -42.06 -6.60
C PRO B 90 -7.11 -43.36 -6.06
N LYS B 91 -6.25 -43.26 -5.05
CA LYS B 91 -5.54 -44.43 -4.53
C LYS B 91 -6.14 -44.91 -3.22
N THR B 92 -6.47 -46.19 -3.19
CA THR B 92 -7.03 -46.82 -2.01
C THR B 92 -6.03 -47.83 -1.43
N VAL B 93 -5.70 -47.68 -0.14
CA VAL B 93 -4.89 -48.67 0.55
C VAL B 93 -5.75 -49.32 1.62
N TYR B 94 -5.69 -50.65 1.70
CA TYR B 94 -6.53 -51.40 2.63
C TYR B 94 -5.79 -51.70 3.92
N TRP B 95 -6.54 -51.76 5.01
CA TRP B 95 -6.00 -52.23 6.25
C TRP B 95 -5.86 -53.71 6.20
N ASP B 96 -4.62 -54.16 6.38
CA ASP B 96 -4.32 -55.55 6.60
C ASP B 96 -3.76 -55.64 8.02
N ARG B 97 -4.47 -56.36 8.90
CA ARG B 97 -4.07 -56.55 10.30
C ARG B 97 -2.66 -57.15 10.47
N ASP B 98 -2.27 -57.98 9.51
CA ASP B 98 -1.01 -58.70 9.56
C ASP B 98 0.18 -57.88 9.04
N MET B 99 -0.09 -56.93 8.15
CA MET B 99 0.95 -56.14 7.49
C MET B 99 1.15 -54.78 8.16
N THR C 3 -12.56 5.56 3.95
CA THR C 3 -11.50 6.59 4.18
C THR C 3 -10.85 6.41 5.55
N GLN C 4 -9.59 6.01 5.54
CA GLN C 4 -8.83 5.64 6.74
C GLN C 4 -7.89 6.75 7.23
N VAL C 5 -7.94 7.90 6.57
CA VAL C 5 -7.10 9.04 6.94
C VAL C 5 -7.94 10.31 7.03
N GLU C 6 -8.11 10.83 8.25
CA GLU C 6 -8.96 12.01 8.47
C GLU C 6 -8.16 13.20 8.99
N GLN C 7 -8.33 14.35 8.34
CA GLN C 7 -7.66 15.57 8.73
C GLN C 7 -8.60 16.59 9.36
N SER C 8 -8.03 17.41 10.24
CA SER C 8 -8.76 18.39 11.00
C SER C 8 -7.79 19.54 11.27
N PRO C 9 -8.27 20.79 11.18
CA PRO C 9 -9.62 21.18 10.79
C PRO C 9 -9.81 21.00 9.28
N GLN C 10 -11.05 21.09 8.83
CA GLN C 10 -11.36 21.11 7.41
C GLN C 10 -10.70 22.33 6.76
N SER C 11 -10.91 23.50 7.35
CA SER C 11 -10.26 24.74 6.91
C SER C 11 -10.10 25.72 8.07
N LEU C 12 -9.13 26.63 7.95
CA LEU C 12 -8.92 27.62 8.99
C LEU C 12 -8.29 28.90 8.44
N VAL C 13 -8.60 30.00 9.12
CA VAL C 13 -8.21 31.36 8.69
C VAL C 13 -7.37 31.96 9.81
N VAL C 14 -6.24 32.57 9.45
CA VAL C 14 -5.21 32.91 10.42
C VAL C 14 -4.48 34.20 10.03
N ARG C 15 -4.15 35.02 11.01
CA ARG C 15 -3.43 36.25 10.73
C ARG C 15 -1.92 36.02 10.63
N GLN C 16 -1.29 36.61 9.61
CA GLN C 16 0.16 36.54 9.45
C GLN C 16 0.89 36.76 10.77
N GLY C 17 1.83 35.86 11.08
CA GLY C 17 2.58 35.94 12.32
C GLY C 17 2.07 34.96 13.35
N GLU C 18 0.79 34.61 13.31
CA GLU C 18 0.21 33.64 14.26
C GLU C 18 0.72 32.22 13.95
N ASN C 19 0.75 31.35 14.96
CA ASN C 19 1.07 29.93 14.76
C ASN C 19 -0.18 29.10 14.60
N CYS C 20 -0.09 28.01 13.88
CA CYS C 20 -1.22 27.08 13.78
C CYS C 20 -0.79 25.61 13.80
N VAL C 21 -1.77 24.74 14.05
CA VAL C 21 -1.54 23.32 14.27
C VAL C 21 -2.55 22.51 13.48
N LEU C 22 -2.11 21.49 12.77
CA LEU C 22 -3.00 20.70 11.95
C LEU C 22 -2.97 19.25 12.42
N GLN C 23 -4.14 18.65 12.65
CA GLN C 23 -4.22 17.26 13.08
C GLN C 23 -4.39 16.29 11.90
N CYS C 24 -3.83 15.09 12.07
CA CYS C 24 -4.11 13.95 11.20
C CYS C 24 -4.34 12.73 12.07
N ASN C 25 -5.44 12.05 11.83
CA ASN C 25 -5.71 10.80 12.53
C ASN C 25 -6.02 9.72 11.52
N TYR C 26 -5.46 8.54 11.73
CA TYR C 26 -5.64 7.47 10.77
C TYR C 26 -5.99 6.10 11.38
N SER C 27 -6.49 5.21 10.54
CA SER C 27 -6.71 3.81 10.92
C SER C 27 -5.91 2.84 10.03
N VAL C 28 -5.09 3.37 9.12
CA VAL C 28 -4.27 2.55 8.21
C VAL C 28 -3.46 1.49 8.96
N THR C 29 -3.46 0.25 8.47
CA THR C 29 -2.63 -0.84 9.03
C THR C 29 -1.88 -1.67 7.99
N PRO C 30 -0.55 -1.84 8.17
CA PRO C 30 0.26 -1.11 9.13
C PRO C 30 0.57 0.30 8.66
N ASP C 31 1.23 1.05 9.53
CA ASP C 31 1.64 2.42 9.28
C ASP C 31 3.15 2.50 9.33
N ASN C 32 3.77 2.27 8.18
CA ASN C 32 5.20 2.39 8.08
C ASN C 32 5.64 3.83 8.26
N HIS C 33 5.02 4.75 7.53
CA HIS C 33 5.40 6.15 7.63
C HIS C 33 4.27 7.10 7.32
N LEU C 34 4.41 8.31 7.83
CA LEU C 34 3.48 9.40 7.55
C LEU C 34 4.23 10.58 6.95
N ARG C 35 3.64 11.18 5.92
CA ARG C 35 4.26 12.31 5.23
C ARG C 35 3.31 13.48 5.10
N TRP C 36 3.84 14.68 5.26
CA TRP C 36 3.04 15.89 5.04
C TRP C 36 3.35 16.61 3.76
N PHE C 37 2.33 16.83 2.91
CA PHE C 37 2.48 17.58 1.67
C PHE C 37 1.87 18.98 1.76
N LYS C 38 2.45 19.93 1.04
CA LYS C 38 1.86 21.28 0.84
C LYS C 38 1.41 21.43 -0.60
N GLN C 39 0.22 21.96 -0.83
CA GLN C 39 -0.28 22.17 -2.20
C GLN C 39 -0.90 23.57 -2.40
N ASP C 40 -0.24 24.39 -3.21
CA ASP C 40 -0.79 25.70 -3.57
C ASP C 40 -1.90 25.44 -4.56
N THR C 41 -2.95 26.26 -4.53
CA THR C 41 -4.05 26.07 -5.48
C THR C 41 -3.47 26.19 -6.89
N GLY C 42 -3.79 25.20 -7.72
CA GLY C 42 -3.14 25.03 -9.02
C GLY C 42 -1.66 24.73 -8.88
N LYS C 43 -1.35 23.53 -8.38
CA LYS C 43 0.05 23.15 -8.26
C LYS C 43 0.19 21.74 -7.68
N GLY C 44 1.43 21.28 -7.65
CA GLY C 44 1.69 19.92 -7.27
C GLY C 44 1.93 19.78 -5.80
N LEU C 45 2.34 18.58 -5.42
CA LEU C 45 2.51 18.24 -4.05
C LEU C 45 3.98 18.36 -3.68
N VAL C 46 4.30 19.31 -2.80
CA VAL C 46 5.65 19.51 -2.28
C VAL C 46 5.74 18.89 -0.88
N SER C 47 6.70 17.97 -0.68
CA SER C 47 6.88 17.32 0.61
C SER C 47 7.51 18.23 1.68
N LEU C 48 6.91 18.26 2.86
CA LEU C 48 7.47 19.08 3.94
C LEU C 48 8.32 18.23 4.86
N THR C 49 7.86 17.01 5.14
CA THR C 49 8.54 16.16 6.08
C THR C 49 7.96 14.74 6.04
N VAL C 50 8.72 13.78 6.52
CA VAL C 50 8.25 12.41 6.62
C VAL C 50 8.69 11.88 7.96
N LEU C 51 7.74 11.32 8.70
CA LEU C 51 8.00 10.80 10.04
C LEU C 51 7.93 9.28 9.99
N VAL C 52 8.90 8.61 10.61
CA VAL C 52 9.01 7.14 10.44
C VAL C 52 9.06 6.30 11.73
N ASP C 53 9.42 6.89 12.86
CA ASP C 53 9.55 6.14 14.11
C ASP C 53 8.26 6.07 14.90
N GLN C 54 8.14 5.02 15.73
CA GLN C 54 6.95 4.79 16.58
C GLN C 54 6.44 6.05 17.29
N LYS C 55 7.39 6.81 17.84
CA LYS C 55 7.16 8.16 18.31
C LYS C 55 8.21 9.03 17.65
N ASP C 56 7.77 9.94 16.80
CA ASP C 56 8.70 10.71 16.00
C ASP C 56 8.39 12.21 16.00
N LYS C 57 9.46 12.99 15.88
CA LYS C 57 9.40 14.44 15.78
C LYS C 57 10.33 14.84 14.64
N THR C 58 9.95 15.82 13.85
CA THR C 58 10.83 16.35 12.79
C THR C 58 10.57 17.84 12.62
N SER C 59 11.47 18.53 11.93
CA SER C 59 11.30 19.95 11.63
C SER C 59 11.92 20.33 10.30
N ASN C 60 11.34 21.32 9.66
CA ASN C 60 11.82 21.80 8.39
C ASN C 60 11.51 23.28 8.32
N GLY C 61 12.42 24.08 8.84
CA GLY C 61 12.24 25.53 8.86
C GLY C 61 11.22 25.91 9.89
N ARG C 62 10.16 26.57 9.43
CA ARG C 62 9.08 27.01 10.31
C ARG C 62 8.01 25.89 10.47
N TYR C 63 8.23 24.77 9.79
CA TYR C 63 7.38 23.60 9.91
C TYR C 63 7.98 22.64 10.94
N SER C 64 7.15 22.13 11.84
CA SER C 64 7.53 20.96 12.62
C SER C 64 6.35 20.00 12.76
N ALA C 65 6.66 18.78 13.18
CA ALA C 65 5.68 17.72 13.17
C ALA C 65 6.02 16.65 14.19
N THR C 66 4.97 16.04 14.75
CA THR C 66 5.11 14.86 15.58
C THR C 66 4.27 13.72 14.98
N LEU C 67 4.67 12.49 15.28
CA LEU C 67 3.84 11.34 14.97
C LEU C 67 3.88 10.40 16.15
N ASP C 68 2.71 9.91 16.51
CA ASP C 68 2.58 8.88 17.55
C ASP C 68 1.77 7.72 16.97
N LYS C 69 2.47 6.63 16.65
CA LYS C 69 1.87 5.47 16.01
C LYS C 69 0.90 4.65 16.86
N ASP C 70 1.14 4.56 18.16
CA ASP C 70 0.20 3.89 19.07
C ASP C 70 -1.15 4.60 19.08
N ALA C 71 -1.11 5.93 19.02
CA ALA C 71 -2.33 6.72 18.97
C ALA C 71 -2.84 6.85 17.54
N LYS C 72 -2.04 6.42 16.57
CA LYS C 72 -2.26 6.70 15.14
C LYS C 72 -2.66 8.16 14.99
N HIS C 73 -1.70 9.03 15.26
CA HIS C 73 -1.97 10.47 15.29
C HIS C 73 -0.73 11.26 14.96
N SER C 74 -0.90 12.27 14.12
CA SER C 74 0.19 13.18 13.76
C SER C 74 -0.29 14.63 13.77
N THR C 75 0.61 15.57 13.99
CA THR C 75 0.31 17.01 13.87
C THR C 75 1.38 17.79 13.08
N LEU C 76 0.98 18.89 12.45
CA LEU C 76 1.90 19.76 11.74
C LEU C 76 1.76 21.18 12.31
N HIS C 77 2.86 21.69 12.84
CA HIS C 77 2.93 23.02 13.43
C HIS C 77 3.60 23.91 12.43
N ILE C 78 2.91 24.99 12.08
CA ILE C 78 3.52 26.07 11.29
C ILE C 78 3.77 27.24 12.23
N THR C 79 5.01 27.71 12.30
CA THR C 79 5.36 28.82 13.19
C THR C 79 5.41 30.13 12.40
N ALA C 80 4.86 31.20 12.99
CA ALA C 80 4.91 32.53 12.40
C ALA C 80 4.46 32.53 10.94
N THR C 81 3.19 32.26 10.71
CA THR C 81 2.68 32.03 9.36
C THR C 81 2.95 33.21 8.45
N LEU C 82 3.38 32.91 7.23
CA LEU C 82 3.56 33.91 6.19
C LEU C 82 2.44 33.76 5.18
N LEU C 83 2.27 34.76 4.32
CA LEU C 83 1.21 34.78 3.33
C LEU C 83 1.28 33.55 2.40
N ASP C 84 2.50 33.17 2.01
CA ASP C 84 2.77 31.99 1.14
C ASP C 84 2.36 30.65 1.74
N ASP C 85 2.11 30.63 3.05
CA ASP C 85 1.60 29.43 3.71
C ASP C 85 0.18 29.08 3.28
N THR C 86 -0.52 30.04 2.66
CA THR C 86 -1.86 29.80 2.13
C THR C 86 -1.83 28.63 1.14
N ALA C 87 -2.48 27.52 1.52
CA ALA C 87 -2.39 26.28 0.78
C ALA C 87 -3.29 25.20 1.41
N THR C 88 -3.43 24.07 0.71
CA THR C 88 -4.04 22.90 1.29
C THR C 88 -2.91 22.02 1.80
N TYR C 89 -3.07 21.49 3.00
CA TYR C 89 -2.06 20.65 3.63
C TYR C 89 -2.55 19.22 3.73
N ILE C 90 -1.77 18.32 3.16
CA ILE C 90 -2.21 16.94 2.92
C ILE C 90 -1.38 15.92 3.70
N CYS C 91 -2.10 15.08 4.41
CA CYS C 91 -1.51 14.04 5.22
C CYS C 91 -1.51 12.71 4.44
N VAL C 92 -0.37 12.03 4.36
CA VAL C 92 -0.30 10.76 3.64
C VAL C 92 0.38 9.64 4.44
N VAL C 93 -0.30 8.50 4.59
CA VAL C 93 0.25 7.36 5.32
C VAL C 93 0.59 6.21 4.36
N GLY C 94 1.81 5.69 4.48
CA GLY C 94 2.27 4.57 3.65
C GLY C 94 2.30 3.29 4.46
N ASP C 95 1.73 2.23 3.90
CA ASP C 95 1.60 0.95 4.63
C ASP C 95 2.80 -0.02 4.50
N ARG C 96 3.86 0.41 3.81
CA ARG C 96 5.05 -0.40 3.66
C ARG C 96 6.31 0.44 3.63
N GLY C 97 7.41 -0.12 4.13
CA GLY C 97 8.71 0.49 3.94
C GLY C 97 9.38 0.24 2.58
N SER C 98 8.58 -0.11 1.57
CA SER C 98 9.07 -0.39 0.23
C SER C 98 7.99 -0.09 -0.84
N ALA C 99 8.36 -0.33 -2.11
CA ALA C 99 7.48 -0.03 -3.23
C ALA C 99 6.23 -0.89 -3.26
N LEU C 100 6.18 -1.93 -2.43
CA LEU C 100 5.02 -2.81 -2.32
C LEU C 100 3.82 -2.14 -1.65
N GLY C 101 4.07 -0.99 -1.04
CA GLY C 101 3.05 -0.24 -0.32
C GLY C 101 2.09 0.60 -1.13
N ARG C 102 0.92 0.82 -0.54
CA ARG C 102 -0.06 1.76 -1.02
C ARG C 102 0.00 3.01 -0.15
N LEU C 103 -0.24 4.18 -0.75
CA LEU C 103 -0.34 5.43 0.00
C LEU C 103 -1.81 5.76 0.23
N HIS C 104 -2.12 6.29 1.41
CA HIS C 104 -3.50 6.59 1.81
C HIS C 104 -3.57 8.05 2.12
N PHE C 105 -4.34 8.77 1.30
CA PHE C 105 -4.32 10.22 1.32
C PHE C 105 -5.44 10.83 2.14
N GLY C 106 -5.13 11.85 2.91
CA GLY C 106 -6.18 12.65 3.52
C GLY C 106 -6.75 13.60 2.48
N ALA C 107 -7.92 14.16 2.76
CA ALA C 107 -8.52 15.14 1.86
C ALA C 107 -7.87 16.54 2.00
N GLY C 108 -7.01 16.73 2.99
CA GLY C 108 -6.34 18.00 3.16
C GLY C 108 -6.99 18.94 4.17
N THR C 109 -6.21 19.89 4.64
CA THR C 109 -6.71 20.97 5.48
C THR C 109 -6.43 22.26 4.73
N GLN C 110 -7.45 23.08 4.52
CA GLN C 110 -7.22 24.35 3.82
C GLN C 110 -6.85 25.49 4.78
N LEU C 111 -5.70 26.10 4.54
CA LEU C 111 -5.26 27.21 5.34
C LEU C 111 -5.36 28.48 4.54
N ILE C 112 -5.84 29.54 5.18
CA ILE C 112 -5.74 30.88 4.62
C ILE C 112 -5.06 31.80 5.63
N VAL C 113 -3.97 32.44 5.18
CA VAL C 113 -3.24 33.39 6.01
C VAL C 113 -3.62 34.80 5.58
N ILE C 114 -4.18 35.59 6.50
CA ILE C 114 -4.52 36.97 6.20
C ILE C 114 -3.30 37.84 6.37
N PRO C 115 -2.91 38.57 5.30
CA PRO C 115 -1.68 39.37 5.30
C PRO C 115 -1.75 40.65 6.12
N ASP C 116 -0.61 41.01 6.69
CA ASP C 116 -0.47 42.20 7.50
C ASP C 116 -0.13 43.44 6.65
N ILE C 117 -1.11 44.32 6.47
CA ILE C 117 -0.87 45.59 5.78
C ILE C 117 -0.32 46.65 6.74
N GLN C 118 0.97 46.94 6.59
CA GLN C 118 1.68 47.86 7.47
C GLN C 118 1.15 49.30 7.37
N ASN C 119 1.09 49.81 6.14
CA ASN C 119 0.77 51.22 5.92
C ASN C 119 -0.33 51.47 4.88
N PRO C 120 -1.61 51.35 5.31
CA PRO C 120 -2.75 51.53 4.42
C PRO C 120 -2.80 52.94 3.81
N ASP C 121 -3.43 53.05 2.64
CA ASP C 121 -3.49 54.28 1.87
C ASP C 121 -4.60 54.15 0.81
N PRO C 122 -5.81 53.71 1.21
CA PRO C 122 -6.88 53.38 0.25
C PRO C 122 -7.12 54.48 -0.78
N ALA C 123 -7.01 54.11 -2.05
CA ALA C 123 -7.22 55.03 -3.15
C ALA C 123 -8.03 54.30 -4.20
N VAL C 124 -8.58 55.08 -5.13
CA VAL C 124 -9.24 54.53 -6.34
C VAL C 124 -8.74 55.28 -7.57
N TYR C 125 -8.05 54.56 -8.45
CA TYR C 125 -7.44 55.16 -9.63
C TYR C 125 -8.12 54.73 -10.91
N GLN C 126 -7.91 55.50 -11.96
CA GLN C 126 -8.39 55.14 -13.28
C GLN C 126 -7.22 54.77 -14.20
N LEU C 127 -7.28 53.59 -14.80
CA LEU C 127 -6.23 53.10 -15.69
C LEU C 127 -6.72 53.01 -17.14
N ARG C 128 -5.94 53.52 -18.07
CA ARG C 128 -6.33 53.56 -19.48
C ARG C 128 -5.83 52.35 -20.26
N ASP C 129 -6.62 51.87 -21.22
CA ASP C 129 -6.20 50.80 -22.11
C ASP C 129 -5.11 51.29 -23.07
N SER C 130 -4.08 50.46 -23.27
CA SER C 130 -2.95 50.81 -24.13
C SER C 130 -3.34 50.98 -25.60
N LYS C 131 -4.15 50.07 -26.12
CA LYS C 131 -4.53 50.10 -27.52
C LYS C 131 -5.57 51.20 -27.83
N SER C 132 -6.34 51.64 -26.83
CA SER C 132 -7.39 52.65 -27.03
C SER C 132 -7.71 53.45 -25.77
N SER C 133 -7.65 54.78 -25.86
CA SER C 133 -7.84 55.63 -24.68
C SER C 133 -9.30 55.77 -24.20
N ASP C 134 -10.22 55.20 -24.96
CA ASP C 134 -11.66 55.24 -24.62
C ASP C 134 -12.08 54.22 -23.53
N LYS C 135 -11.59 52.99 -23.60
CA LYS C 135 -11.89 51.98 -22.57
C LYS C 135 -10.97 52.15 -21.37
N SER C 136 -11.45 51.77 -20.18
CA SER C 136 -10.70 51.97 -18.94
C SER C 136 -11.17 51.09 -17.78
N VAL C 137 -10.29 50.86 -16.81
CA VAL C 137 -10.66 50.16 -15.58
C VAL C 137 -10.50 51.04 -14.37
N CYS C 138 -11.17 50.62 -13.30
CA CYS C 138 -11.18 51.34 -12.07
C CYS C 138 -10.57 50.49 -10.94
N LEU C 139 -9.40 50.89 -10.45
CA LEU C 139 -8.60 50.12 -9.48
C LEU C 139 -8.64 50.69 -8.06
N PHE C 140 -9.21 49.91 -7.14
CA PHE C 140 -9.28 50.24 -5.72
C PHE C 140 -8.13 49.51 -5.03
N THR C 141 -7.14 50.26 -4.54
CA THR C 141 -5.93 49.63 -3.97
C THR C 141 -5.49 50.18 -2.60
N ASP C 142 -4.57 49.46 -1.96
CA ASP C 142 -3.90 49.91 -0.75
C ASP C 142 -4.76 50.02 0.52
N PHE C 143 -5.91 49.37 0.52
CA PHE C 143 -6.71 49.23 1.73
C PHE C 143 -6.16 48.14 2.66
N ASP C 144 -6.53 48.19 3.94
CA ASP C 144 -6.11 47.13 4.84
C ASP C 144 -7.06 45.94 4.76
N SER C 145 -6.67 44.84 5.39
CA SER C 145 -7.40 43.59 5.31
C SER C 145 -8.69 43.60 6.16
N GLN C 146 -8.97 44.74 6.78
CA GLN C 146 -10.24 44.94 7.47
C GLN C 146 -11.37 45.26 6.48
N THR C 147 -11.02 45.86 5.34
CA THR C 147 -12.02 46.22 4.33
C THR C 147 -12.48 45.01 3.52
N ASN C 148 -13.80 44.91 3.31
CA ASN C 148 -14.40 43.90 2.43
C ASN C 148 -14.83 44.54 1.11
N VAL C 149 -14.62 43.81 0.01
CA VAL C 149 -15.06 44.27 -1.30
C VAL C 149 -16.34 43.54 -1.71
N SER C 150 -17.46 44.22 -1.56
CA SER C 150 -18.74 43.69 -1.94
C SER C 150 -18.96 43.88 -3.43
N GLN C 151 -19.61 42.89 -4.04
CA GLN C 151 -19.89 42.90 -5.49
C GLN C 151 -20.78 44.07 -5.90
N SER C 152 -20.89 44.29 -7.21
CA SER C 152 -21.69 45.41 -7.70
C SER C 152 -23.19 45.10 -7.66
N LYS C 153 -23.99 46.16 -7.56
CA LYS C 153 -25.45 46.06 -7.62
C LYS C 153 -25.93 45.80 -9.07
N ASP C 154 -25.27 46.46 -10.02
CA ASP C 154 -25.60 46.34 -11.44
C ASP C 154 -24.79 45.22 -12.11
N SER C 155 -25.47 44.38 -12.90
CA SER C 155 -24.80 43.31 -13.65
C SER C 155 -24.08 43.84 -14.90
N ASP C 156 -24.31 45.11 -15.21
CA ASP C 156 -23.52 45.84 -16.20
C ASP C 156 -22.08 46.02 -15.71
N VAL C 157 -21.94 46.21 -14.39
CA VAL C 157 -20.65 46.46 -13.76
C VAL C 157 -20.03 45.15 -13.26
N TYR C 158 -18.70 45.08 -13.30
CA TYR C 158 -17.96 43.90 -12.80
C TYR C 158 -16.96 44.37 -11.78
N ILE C 159 -16.99 43.73 -10.61
CA ILE C 159 -16.01 44.01 -9.57
C ILE C 159 -15.42 42.69 -9.14
N THR C 160 -14.10 42.59 -9.16
CA THR C 160 -13.39 41.38 -8.70
C THR C 160 -13.25 41.41 -7.18
N ASP C 161 -13.00 40.25 -6.58
CA ASP C 161 -12.78 40.24 -5.15
C ASP C 161 -11.34 40.67 -4.86
N LYS C 162 -11.09 41.16 -3.65
CA LYS C 162 -9.76 41.60 -3.25
C LYS C 162 -8.73 40.50 -3.46
N CYS C 163 -7.48 40.91 -3.64
CA CYS C 163 -6.39 40.04 -3.96
C CYS C 163 -5.13 40.74 -3.45
N VAL C 164 -4.19 40.00 -2.88
CA VAL C 164 -2.98 40.59 -2.32
C VAL C 164 -1.68 40.27 -3.08
N LEU C 165 -0.97 41.32 -3.48
CA LEU C 165 0.30 41.15 -4.18
C LEU C 165 1.48 41.51 -3.28
N ASP C 166 2.60 40.84 -3.51
CA ASP C 166 3.80 40.99 -2.70
C ASP C 166 4.97 41.38 -3.58
N MET C 167 5.42 42.63 -3.42
CA MET C 167 6.65 43.07 -4.07
C MET C 167 7.80 42.58 -3.21
N ARG C 168 8.24 41.35 -3.47
CA ARG C 168 9.23 40.68 -2.61
C ARG C 168 10.48 41.52 -2.34
N SER C 169 11.11 42.03 -3.40
CA SER C 169 12.31 42.89 -3.33
C SER C 169 12.20 44.12 -2.42
N MET C 170 11.03 44.78 -2.43
CA MET C 170 10.75 45.92 -1.55
C MET C 170 10.20 45.53 -0.18
N ASP C 171 9.96 44.24 0.03
CA ASP C 171 9.18 43.72 1.18
C ASP C 171 7.92 44.55 1.35
N PHE C 172 7.00 44.42 0.41
CA PHE C 172 5.83 45.26 0.40
C PHE C 172 4.61 44.46 -0.04
N LYS C 173 3.57 44.46 0.79
CA LYS C 173 2.30 43.82 0.44
C LYS C 173 1.22 44.89 0.24
N SER C 174 0.28 44.62 -0.69
CA SER C 174 -0.86 45.51 -0.96
C SER C 174 -2.07 44.77 -1.52
N ASN C 175 -3.25 45.18 -1.05
CA ASN C 175 -4.53 44.64 -1.48
C ASN C 175 -5.05 45.45 -2.65
N SER C 176 -5.86 44.83 -3.49
CA SER C 176 -6.51 45.57 -4.59
C SER C 176 -7.75 44.88 -5.13
N ALA C 177 -8.62 45.67 -5.75
CA ALA C 177 -9.75 45.14 -6.49
C ALA C 177 -9.87 45.96 -7.76
N VAL C 178 -10.49 45.36 -8.77
CA VAL C 178 -10.66 45.99 -10.07
C VAL C 178 -12.14 46.00 -10.41
N ALA C 179 -12.61 47.11 -10.97
CA ALA C 179 -13.99 47.21 -11.41
C ALA C 179 -14.05 47.82 -12.80
N TRP C 180 -15.00 47.37 -13.61
CA TRP C 180 -15.23 47.96 -14.94
C TRP C 180 -16.67 47.78 -15.38
N SER C 181 -16.97 48.32 -16.56
CA SER C 181 -18.29 48.29 -17.20
C SER C 181 -18.25 49.29 -18.34
N ASN C 182 -18.52 48.85 -19.56
CA ASN C 182 -18.55 49.79 -20.69
C ASN C 182 -19.86 50.60 -20.74
N LYS C 183 -20.99 49.91 -20.62
CA LYS C 183 -22.30 50.55 -20.62
C LYS C 183 -22.59 51.15 -19.25
N ASP C 185 -20.62 56.97 -19.21
CA ASP C 185 -21.49 57.27 -18.08
C ASP C 185 -20.97 56.67 -16.77
N PHE C 186 -20.42 55.46 -16.85
CA PHE C 186 -19.78 54.77 -15.71
C PHE C 186 -18.47 55.47 -15.33
N ALA C 187 -18.26 55.65 -14.03
CA ALA C 187 -17.04 56.31 -13.52
C ALA C 187 -16.60 55.84 -12.13
N CYS C 188 -15.42 56.30 -11.75
CA CYS C 188 -14.69 55.77 -10.61
C CYS C 188 -15.20 56.10 -9.21
N ALA C 189 -15.86 57.24 -9.05
CA ALA C 189 -16.56 57.53 -7.79
C ALA C 189 -17.74 56.58 -7.62
N ASN C 190 -18.36 56.20 -8.74
CA ASN C 190 -19.54 55.33 -8.73
C ASN C 190 -19.22 53.86 -8.51
N ALA C 191 -18.00 53.48 -8.87
CA ALA C 191 -17.61 52.08 -8.96
C ALA C 191 -17.81 51.28 -7.67
N PHE C 192 -17.31 51.80 -6.55
CA PHE C 192 -17.32 51.03 -5.30
C PHE C 192 -18.35 51.50 -4.26
N ASN C 193 -19.36 52.24 -4.71
CA ASN C 193 -20.48 52.70 -3.88
C ASN C 193 -21.08 51.63 -2.95
N ASN C 194 -21.15 50.39 -3.42
CA ASN C 194 -21.74 49.29 -2.66
C ASN C 194 -20.78 48.62 -1.65
N SER C 195 -19.65 49.25 -1.36
CA SER C 195 -18.65 48.70 -0.43
C SER C 195 -18.34 49.64 0.73
N ILE C 196 -17.99 49.06 1.88
CA ILE C 196 -17.53 49.85 3.03
C ILE C 196 -16.07 50.32 2.88
N ILE C 197 -15.82 51.11 1.83
CA ILE C 197 -14.49 51.68 1.60
C ILE C 197 -14.19 52.70 2.71
N PRO C 198 -12.93 52.71 3.21
CA PRO C 198 -12.55 53.59 4.33
C PRO C 198 -12.88 55.06 4.10
N GLU C 199 -12.92 55.83 5.18
CA GLU C 199 -13.28 57.24 5.13
C GLU C 199 -12.20 58.08 4.45
N ASP C 200 -10.93 57.74 4.69
CA ASP C 200 -9.80 58.50 4.13
C ASP C 200 -9.37 58.09 2.71
N THR C 201 -10.29 57.55 1.93
CA THR C 201 -9.99 57.07 0.58
C THR C 201 -9.66 58.21 -0.38
N PHE C 202 -8.57 58.05 -1.12
CA PHE C 202 -8.12 59.03 -2.11
C PHE C 202 -8.86 58.87 -3.44
N PHE C 203 -9.59 59.91 -3.85
CA PHE C 203 -10.24 59.94 -5.16
C PHE C 203 -9.69 61.11 -5.97
N PRO C 204 -8.63 60.86 -6.75
CA PRO C 204 -7.95 61.94 -7.49
C PRO C 204 -8.79 62.55 -8.64
N SER C 205 -8.74 63.88 -8.75
CA SER C 205 -9.47 64.65 -9.79
C SER C 205 -10.26 63.80 -10.79
N ALA D 3 15.33 14.28 -8.92
CA ALA D 3 14.57 13.21 -9.60
C ALA D 3 13.19 13.72 -10.07
N ALA D 4 13.15 14.21 -11.32
CA ALA D 4 11.98 14.94 -11.87
C ALA D 4 11.04 14.11 -12.75
N VAL D 5 9.76 14.51 -12.76
CA VAL D 5 8.69 13.83 -13.49
C VAL D 5 7.79 14.86 -14.17
N THR D 6 7.44 14.57 -15.44
CA THR D 6 6.65 15.50 -16.25
C THR D 6 5.39 14.84 -16.81
N GLN D 7 4.40 15.68 -17.09
CA GLN D 7 3.09 15.27 -17.58
C GLN D 7 2.73 16.17 -18.75
N SER D 8 2.17 15.59 -19.79
CA SER D 8 1.61 16.38 -20.89
C SER D 8 0.30 15.76 -21.38
N PRO D 9 -0.69 16.59 -21.71
CA PRO D 9 -0.67 18.06 -21.60
C PRO D 9 -0.82 18.45 -20.14
N ARG D 10 -0.66 19.74 -19.85
CA ARG D 10 -0.83 20.19 -18.47
C ARG D 10 -2.27 20.64 -18.22
N ASN D 11 -3.04 20.74 -19.29
CA ASN D 11 -4.41 21.22 -19.24
C ASN D 11 -5.13 20.82 -20.52
N LYS D 12 -6.35 20.30 -20.41
CA LYS D 12 -7.08 19.75 -21.56
C LYS D 12 -8.58 19.91 -21.42
N VAL D 13 -9.19 20.51 -22.44
CA VAL D 13 -10.63 20.63 -22.56
C VAL D 13 -11.04 19.66 -23.65
N ALA D 14 -12.05 18.84 -23.36
CA ALA D 14 -12.42 17.70 -24.21
C ALA D 14 -13.93 17.51 -24.25
N VAL D 15 -14.42 16.85 -25.30
CA VAL D 15 -15.84 16.52 -25.44
C VAL D 15 -16.13 15.09 -25.00
N THR D 16 -17.37 14.84 -24.59
CA THR D 16 -17.85 13.49 -24.31
C THR D 16 -17.70 12.56 -25.51
N GLY D 17 -17.29 11.33 -25.25
CA GLY D 17 -17.11 10.34 -26.30
C GLY D 17 -15.77 10.46 -26.98
N GLY D 18 -15.03 11.52 -26.67
CA GLY D 18 -13.70 11.73 -27.24
C GLY D 18 -12.65 10.84 -26.59
N LYS D 19 -11.51 10.68 -27.27
CA LYS D 19 -10.39 9.95 -26.72
C LYS D 19 -9.46 10.98 -26.12
N VAL D 20 -9.11 10.81 -24.85
CA VAL D 20 -8.08 11.62 -24.25
C VAL D 20 -6.90 10.74 -23.84
N THR D 21 -5.69 11.23 -24.11
CA THR D 21 -4.50 10.52 -23.67
C THR D 21 -3.71 11.42 -22.73
N LEU D 22 -3.48 10.91 -21.52
CA LEU D 22 -2.68 11.62 -20.54
C LEU D 22 -1.31 10.96 -20.47
N SER D 23 -0.25 11.75 -20.53
CA SER D 23 1.09 11.18 -20.59
C SER D 23 1.99 11.57 -19.45
N CYS D 24 2.89 10.65 -19.11
CA CYS D 24 3.88 10.87 -18.07
C CYS D 24 5.23 10.38 -18.52
N ASN D 25 6.22 11.26 -18.41
CA ASN D 25 7.62 10.93 -18.70
C ASN D 25 8.54 11.18 -17.52
N GLN D 26 9.42 10.20 -17.29
CA GLN D 26 10.27 10.12 -16.10
C GLN D 26 11.63 9.53 -16.50
N THR D 27 12.69 10.27 -16.24
CA THR D 27 14.03 9.86 -16.72
C THR D 27 14.94 9.28 -15.65
N ASN D 28 14.34 8.79 -14.56
CA ASN D 28 15.09 8.38 -13.36
C ASN D 28 15.35 6.88 -13.30
N ASN D 29 15.01 6.20 -14.39
CA ASN D 29 15.12 4.75 -14.46
C ASN D 29 14.37 4.01 -13.33
N HIS D 30 13.30 4.63 -12.86
CA HIS D 30 12.39 4.05 -11.87
C HIS D 30 11.54 3.01 -12.50
N ASN D 31 11.48 1.82 -11.90
CA ASN D 31 10.65 0.72 -12.42
C ASN D 31 9.15 1.02 -12.35
N ASN D 32 8.76 1.89 -11.42
CA ASN D 32 7.37 1.98 -10.98
C ASN D 32 6.72 3.31 -11.23
N MET D 33 5.53 3.27 -11.83
CA MET D 33 4.79 4.50 -12.11
C MET D 33 3.31 4.34 -11.74
N TYR D 34 2.70 5.47 -11.37
CA TYR D 34 1.41 5.46 -10.75
C TYR D 34 0.61 6.64 -11.27
N TRP D 35 -0.71 6.45 -11.37
CA TRP D 35 -1.62 7.47 -11.83
C TRP D 35 -2.70 7.68 -10.81
N TYR D 36 -2.86 8.93 -10.40
CA TYR D 36 -3.92 9.32 -9.47
C TYR D 36 -4.84 10.41 -10.05
N ARG D 37 -6.05 10.53 -9.53
CA ARG D 37 -6.87 11.74 -9.74
C ARG D 37 -7.23 12.34 -8.40
N GLN D 38 -7.32 13.67 -8.37
CA GLN D 38 -7.66 14.44 -7.16
C GLN D 38 -8.97 15.19 -7.40
N ASP D 39 -9.94 14.89 -6.55
CA ASP D 39 -11.26 15.54 -6.57
C ASP D 39 -11.49 16.19 -5.22
N THR D 40 -11.91 17.46 -5.24
CA THR D 40 -12.04 18.21 -4.01
C THR D 40 -12.97 17.48 -3.05
N GLY D 41 -12.50 17.28 -1.82
CA GLY D 41 -13.25 16.53 -0.82
C GLY D 41 -12.85 15.06 -0.76
N HIS D 42 -11.87 14.68 -1.59
CA HIS D 42 -11.22 13.37 -1.48
C HIS D 42 -9.75 13.53 -1.49
N GLY D 43 -9.02 12.52 -1.03
CA GLY D 43 -7.58 12.50 -1.23
C GLY D 43 -7.32 12.04 -2.65
N LEU D 44 -6.04 12.02 -3.04
CA LEU D 44 -5.66 11.36 -4.27
C LEU D 44 -6.14 9.90 -4.28
N ARG D 45 -6.63 9.43 -5.42
CA ARG D 45 -7.05 8.03 -5.57
C ARG D 45 -6.35 7.29 -6.72
N LEU D 46 -5.91 6.07 -6.44
CA LEU D 46 -5.15 5.31 -7.41
C LEU D 46 -6.01 4.70 -8.52
N ILE D 47 -5.69 5.05 -9.76
CA ILE D 47 -6.37 4.53 -10.94
C ILE D 47 -5.66 3.26 -11.44
N HIS D 48 -4.51 3.44 -12.09
CA HIS D 48 -3.68 2.36 -12.60
C HIS D 48 -2.27 2.53 -12.12
N TYR D 49 -1.48 1.47 -12.21
CA TYR D 49 -0.05 1.55 -11.91
C TYR D 49 0.76 0.50 -12.67
N SER D 50 2.09 0.62 -12.62
CA SER D 50 2.95 -0.22 -13.43
C SER D 50 4.28 -0.51 -12.75
N TYR D 51 4.65 -1.79 -12.79
CA TYR D 51 5.91 -2.28 -12.21
C TYR D 51 7.06 -2.34 -13.23
N GLY D 52 6.72 -2.13 -14.50
CA GLY D 52 7.72 -2.04 -15.55
C GLY D 52 7.09 -2.07 -16.93
N ALA D 53 7.93 -1.76 -17.93
CA ALA D 53 7.58 -1.88 -19.35
C ALA D 53 6.66 -3.06 -19.62
N GLY D 54 5.57 -2.81 -20.35
CA GLY D 54 4.65 -3.87 -20.78
C GLY D 54 3.63 -4.32 -19.75
N SER D 55 3.83 -3.88 -18.50
CA SER D 55 2.93 -4.23 -17.39
C SER D 55 2.14 -3.02 -16.93
N THR D 56 0.86 -3.25 -16.71
CA THR D 56 -0.03 -2.26 -16.13
C THR D 56 -0.91 -3.02 -15.15
N GLU D 57 -1.38 -2.32 -14.11
CA GLU D 57 -2.15 -2.94 -13.05
C GLU D 57 -3.29 -2.05 -12.64
N LYS D 58 -4.43 -2.67 -12.32
CA LYS D 58 -5.57 -1.91 -11.84
C LYS D 58 -5.32 -1.38 -10.43
N GLY D 59 -5.80 -0.17 -10.16
CA GLY D 59 -5.73 0.43 -8.84
C GLY D 59 -7.10 0.36 -8.19
N ASP D 60 -7.39 1.32 -7.32
CA ASP D 60 -8.66 1.32 -6.59
C ASP D 60 -9.84 1.77 -7.44
N ILE D 61 -9.62 2.73 -8.34
CA ILE D 61 -10.69 3.23 -9.21
C ILE D 61 -10.40 3.13 -10.70
N PRO D 62 -10.22 1.90 -11.21
CA PRO D 62 -9.74 1.74 -12.58
C PRO D 62 -10.76 1.94 -13.69
N ASP D 63 -12.06 1.75 -13.40
CA ASP D 63 -13.13 1.86 -14.41
C ASP D 63 -13.15 3.14 -15.26
N GLY D 64 -13.14 2.97 -16.57
CA GLY D 64 -13.26 4.09 -17.49
C GLY D 64 -11.90 4.46 -18.03
N TYR D 65 -10.86 3.97 -17.36
CA TYR D 65 -9.48 4.27 -17.76
C TYR D 65 -8.78 3.00 -18.19
N LYS D 66 -7.86 3.16 -19.12
CA LYS D 66 -7.01 2.08 -19.57
C LYS D 66 -5.59 2.64 -19.46
N ALA D 67 -4.63 1.80 -19.06
CA ALA D 67 -3.26 2.25 -18.89
C ALA D 67 -2.38 1.63 -19.94
N SER D 68 -1.24 2.27 -20.22
CA SER D 68 -0.28 1.77 -21.20
C SER D 68 1.14 2.12 -20.78
N ARG D 69 1.97 1.11 -20.68
CA ARG D 69 3.37 1.33 -20.34
C ARG D 69 4.23 0.75 -21.45
N PRO D 70 4.43 1.53 -22.54
CA PRO D 70 5.31 1.11 -23.64
C PRO D 70 6.78 1.00 -23.28
N SER D 71 7.24 1.80 -22.31
CA SER D 71 8.66 1.83 -21.98
C SER D 71 8.92 2.20 -20.51
N GLN D 72 10.17 2.10 -20.09
CA GLN D 72 10.56 2.41 -18.72
C GLN D 72 10.23 3.86 -18.37
N GLU D 73 10.33 4.76 -19.36
CA GLU D 73 10.12 6.21 -19.14
C GLU D 73 8.69 6.75 -19.35
N ASN D 74 7.84 6.03 -20.10
CA ASN D 74 6.47 6.47 -20.37
C ASN D 74 5.37 5.62 -19.74
N PHE D 75 4.56 6.28 -18.91
CA PHE D 75 3.30 5.73 -18.42
C PHE D 75 2.24 6.68 -18.90
N SER D 76 1.18 6.13 -19.48
CA SER D 76 0.17 6.90 -20.16
C SER D 76 -1.26 6.46 -19.77
N LEU D 77 -2.08 7.44 -19.40
CA LEU D 77 -3.45 7.18 -19.02
C LEU D 77 -4.39 7.49 -20.18
N ILE D 78 -5.03 6.44 -20.68
CA ILE D 78 -5.90 6.53 -21.85
C ILE D 78 -7.36 6.50 -21.41
N LEU D 79 -8.09 7.53 -21.81
CA LEU D 79 -9.54 7.58 -21.61
C LEU D 79 -10.19 7.35 -23.00
N GLU D 80 -10.75 6.16 -23.19
CA GLU D 80 -11.28 5.73 -24.47
C GLU D 80 -12.56 6.49 -24.84
N LEU D 81 -13.58 6.42 -23.99
CA LEU D 81 -14.78 7.23 -24.17
C LEU D 81 -14.96 8.16 -22.96
N ALA D 82 -14.52 9.40 -23.10
CA ALA D 82 -14.50 10.36 -21.99
C ALA D 82 -15.90 10.74 -21.53
N THR D 83 -16.04 11.01 -20.23
CA THR D 83 -17.31 11.46 -19.67
C THR D 83 -17.09 12.60 -18.66
N PRO D 84 -18.11 13.44 -18.42
CA PRO D 84 -17.98 14.56 -17.49
C PRO D 84 -17.46 14.16 -16.11
N SER D 85 -17.82 12.96 -15.65
CA SER D 85 -17.38 12.44 -14.36
C SER D 85 -15.85 12.30 -14.27
N GLN D 86 -15.19 12.31 -15.43
CA GLN D 86 -13.71 12.23 -15.49
C GLN D 86 -13.01 13.59 -15.48
N THR D 87 -13.79 14.65 -15.33
CA THR D 87 -13.27 15.98 -15.06
C THR D 87 -12.61 15.96 -13.70
N SER D 88 -11.35 16.38 -13.65
CA SER D 88 -10.51 16.21 -12.47
C SER D 88 -9.11 16.74 -12.73
N VAL D 89 -8.25 16.55 -11.74
CA VAL D 89 -6.84 16.87 -11.86
C VAL D 89 -6.06 15.56 -11.66
N TYR D 90 -5.24 15.19 -12.64
CA TYR D 90 -4.57 13.89 -12.64
C TYR D 90 -3.10 14.02 -12.29
N PHE D 91 -2.64 13.19 -11.37
CA PHE D 91 -1.25 13.18 -10.98
C PHE D 91 -0.58 11.87 -11.34
N CYS D 92 0.59 11.99 -11.92
CA CYS D 92 1.43 10.85 -12.26
C CYS D 92 2.53 10.80 -11.23
N ALA D 93 2.96 9.60 -10.87
CA ALA D 93 4.15 9.46 -9.99
C ALA D 93 5.04 8.30 -10.39
N SER D 94 6.29 8.36 -9.93
CA SER D 94 7.26 7.29 -10.13
C SER D 94 8.02 6.98 -8.84
N GLY D 95 8.63 5.78 -8.81
CA GLY D 95 9.49 5.37 -7.71
C GLY D 95 10.32 4.14 -8.03
N ASP D 96 11.34 3.89 -7.22
CA ASP D 96 12.06 2.63 -7.35
C ASP D 96 11.55 1.67 -6.28
N GLU D 97 12.43 0.80 -5.77
CA GLU D 97 12.03 -0.21 -4.80
C GLU D 97 11.58 0.39 -3.45
N GLY D 98 12.07 1.58 -3.13
CA GLY D 98 11.79 2.25 -1.85
C GLY D 98 10.36 2.75 -1.71
N TYR D 99 10.07 3.44 -0.61
CA TYR D 99 8.68 3.89 -0.37
C TYR D 99 8.26 5.21 -1.05
N THR D 100 9.20 6.13 -1.24
CA THR D 100 8.94 7.44 -1.86
C THR D 100 8.39 7.35 -3.28
N GLN D 101 7.29 8.05 -3.53
CA GLN D 101 6.82 8.29 -4.87
C GLN D 101 7.07 9.76 -5.15
N TYR D 102 7.56 10.05 -6.35
CA TYR D 102 7.89 11.40 -6.77
C TYR D 102 6.80 11.82 -7.74
N PHE D 103 6.09 12.89 -7.39
CA PHE D 103 4.89 13.29 -8.12
C PHE D 103 5.13 14.29 -9.24
N GLY D 104 4.35 14.17 -10.32
CA GLY D 104 4.34 15.14 -11.41
C GLY D 104 3.62 16.41 -11.00
N PRO D 105 3.52 17.38 -11.92
CA PRO D 105 2.94 18.69 -11.58
C PRO D 105 1.44 18.77 -11.68
N GLY D 106 0.82 17.75 -12.29
CA GLY D 106 -0.62 17.70 -12.45
C GLY D 106 -1.07 18.01 -13.85
N THR D 107 -2.28 17.57 -14.18
CA THR D 107 -2.91 17.79 -15.48
C THR D 107 -4.39 17.99 -15.24
N ARG D 108 -4.90 19.15 -15.63
CA ARG D 108 -6.30 19.47 -15.44
C ARG D 108 -7.11 18.98 -16.63
N LEU D 109 -8.16 18.22 -16.35
CA LEU D 109 -9.07 17.79 -17.41
C LEU D 109 -10.45 18.35 -17.14
N LEU D 110 -11.04 18.92 -18.18
CA LEU D 110 -12.44 19.25 -18.18
C LEU D 110 -13.07 18.55 -19.37
N VAL D 111 -14.10 17.76 -19.09
CA VAL D 111 -14.83 17.07 -20.14
C VAL D 111 -16.22 17.68 -20.21
N LEU D 112 -16.49 18.34 -21.33
CA LEU D 112 -17.79 18.98 -21.57
C LEU D 112 -18.73 18.08 -22.38
N GLU D 113 -20.04 18.30 -22.20
CA GLU D 113 -21.05 17.63 -23.00
C GLU D 113 -20.92 18.08 -24.44
N ASP D 114 -20.67 19.38 -24.61
CA ASP D 114 -20.68 20.02 -25.93
C ASP D 114 -19.62 21.09 -26.02
N LEU D 115 -19.05 21.22 -27.22
CA LEU D 115 -18.04 22.25 -27.48
C LEU D 115 -18.60 23.57 -28.08
N ARG D 116 -19.91 23.66 -28.27
CA ARG D 116 -20.53 24.81 -28.95
C ARG D 116 -20.20 26.21 -28.36
N ASN D 117 -19.84 26.26 -27.08
CA ASN D 117 -19.61 27.56 -26.43
C ASN D 117 -18.15 27.99 -26.29
N VAL D 118 -17.22 27.11 -26.67
CA VAL D 118 -15.79 27.40 -26.50
C VAL D 118 -15.42 28.69 -27.25
N THR D 119 -14.74 29.60 -26.56
CA THR D 119 -14.38 30.91 -27.10
C THR D 119 -13.07 31.40 -26.48
N PRO D 120 -12.11 31.85 -27.32
CA PRO D 120 -10.90 32.43 -26.77
C PRO D 120 -11.16 33.83 -26.16
N PRO D 121 -10.30 34.30 -25.25
CA PRO D 121 -10.50 35.60 -24.62
C PRO D 121 -10.01 36.79 -25.46
N LYS D 122 -10.53 37.98 -25.15
CA LYS D 122 -9.91 39.25 -25.50
C LYS D 122 -8.98 39.58 -24.35
N VAL D 123 -7.85 40.18 -24.64
CA VAL D 123 -6.95 40.55 -23.58
C VAL D 123 -6.66 42.03 -23.73
N SER D 124 -6.86 42.80 -22.66
CA SER D 124 -6.51 44.20 -22.65
C SER D 124 -5.50 44.43 -21.56
N LEU D 125 -4.57 45.36 -21.78
CA LEU D 125 -3.63 45.80 -20.76
C LEU D 125 -3.92 47.26 -20.42
N PHE D 126 -4.01 47.57 -19.15
CA PHE D 126 -4.34 48.91 -18.70
C PHE D 126 -3.13 49.55 -18.05
N GLU D 127 -2.80 50.75 -18.53
CA GLU D 127 -1.58 51.42 -18.16
C GLU D 127 -1.70 52.19 -16.84
N PRO D 128 -0.62 52.19 -16.03
CA PRO D 128 -0.55 52.82 -14.73
C PRO D 128 -1.05 54.26 -14.72
N SER D 129 -1.82 54.60 -13.68
CA SER D 129 -2.33 55.95 -13.47
C SER D 129 -1.25 56.91 -12.99
N LYS D 130 -1.19 58.09 -13.62
CA LYS D 130 -0.25 59.18 -13.26
C LYS D 130 -0.45 59.64 -11.81
N ALA D 131 -1.70 59.57 -11.36
CA ALA D 131 -2.05 59.86 -9.98
C ALA D 131 -1.42 58.84 -9.05
N GLU D 132 -1.56 57.55 -9.36
CA GLU D 132 -0.95 56.48 -8.57
C GLU D 132 0.57 56.68 -8.45
N ILE D 133 1.22 56.97 -9.56
CA ILE D 133 2.66 57.14 -9.62
C ILE D 133 3.12 58.25 -8.67
N SER D 134 2.43 59.38 -8.72
CA SER D 134 2.76 60.54 -7.88
C SER D 134 2.41 60.37 -6.40
N HIS D 135 1.38 59.56 -6.11
CA HIS D 135 0.91 59.37 -4.73
C HIS D 135 1.65 58.31 -3.96
N THR D 136 2.23 57.34 -4.66
CA THR D 136 2.76 56.14 -4.02
C THR D 136 4.18 55.82 -4.46
N GLN D 137 4.61 56.47 -5.54
CA GLN D 137 5.85 56.14 -6.25
C GLN D 137 5.89 54.70 -6.77
N LYS D 138 4.70 54.15 -7.00
CA LYS D 138 4.53 52.79 -7.51
C LYS D 138 3.56 52.79 -8.69
N ALA D 139 3.76 51.84 -9.60
CA ALA D 139 2.97 51.78 -10.83
C ALA D 139 2.30 50.42 -11.00
N THR D 140 0.97 50.41 -11.07
CA THR D 140 0.20 49.17 -11.25
C THR D 140 -0.36 49.03 -12.66
N LEU D 141 0.13 48.04 -13.41
CA LEU D 141 -0.53 47.62 -14.64
C LEU D 141 -1.65 46.64 -14.28
N VAL D 142 -2.74 46.69 -15.04
CA VAL D 142 -3.82 45.73 -14.89
C VAL D 142 -4.10 45.03 -16.22
N CYS D 143 -4.25 43.72 -16.15
CA CYS D 143 -4.62 42.93 -17.31
C CYS D 143 -6.04 42.39 -17.17
N LEU D 144 -6.77 42.38 -18.28
CA LEU D 144 -8.16 41.99 -18.29
C LEU D 144 -8.41 40.99 -19.40
N ALA D 145 -8.81 39.78 -19.03
CA ALA D 145 -9.15 38.77 -20.02
C ALA D 145 -10.65 38.56 -19.93
N THR D 146 -11.34 38.70 -21.05
CA THR D 146 -12.80 38.65 -21.04
C THR D 146 -13.35 37.86 -22.22
N GLY D 147 -14.60 37.40 -22.05
CA GLY D 147 -15.37 36.75 -23.10
C GLY D 147 -14.99 35.31 -23.39
N PHE D 148 -14.34 34.64 -22.44
CA PHE D 148 -13.84 33.29 -22.72
C PHE D 148 -14.63 32.16 -22.07
N TYR D 149 -14.54 30.99 -22.67
CA TYR D 149 -15.24 29.81 -22.21
C TYR D 149 -14.48 28.65 -22.77
N PRO D 150 -14.24 27.60 -21.95
CA PRO D 150 -14.48 27.52 -20.49
C PRO D 150 -13.40 28.21 -19.62
N ASP D 151 -13.45 28.01 -18.31
CA ASP D 151 -12.61 28.78 -17.40
C ASP D 151 -11.15 28.31 -17.30
N HIS D 152 -10.64 27.65 -18.33
CA HIS D 152 -9.27 27.10 -18.32
C HIS D 152 -8.27 28.02 -18.96
N VAL D 153 -7.84 29.01 -18.18
CA VAL D 153 -6.81 29.94 -18.66
C VAL D 153 -5.70 30.11 -17.65
N GLU D 154 -4.48 30.13 -18.15
CA GLU D 154 -3.33 30.52 -17.36
C GLU D 154 -2.93 31.90 -17.81
N LEU D 155 -3.04 32.86 -16.90
CA LEU D 155 -2.58 34.21 -17.15
C LEU D 155 -1.16 34.36 -16.57
N SER D 156 -0.25 34.98 -17.32
CA SER D 156 1.12 35.23 -16.85
C SER D 156 1.71 36.57 -17.35
N TRP D 157 2.65 37.12 -16.58
CA TRP D 157 3.24 38.42 -16.85
C TRP D 157 4.68 38.29 -17.30
N TRP D 158 5.02 39.02 -18.36
CA TRP D 158 6.39 39.00 -18.89
C TRP D 158 6.93 40.37 -18.99
N VAL D 159 8.16 40.55 -18.56
CA VAL D 159 8.88 41.81 -18.70
C VAL D 159 10.20 41.53 -19.41
N ASN D 160 10.40 42.20 -20.55
CA ASN D 160 11.50 41.94 -21.46
C ASN D 160 11.70 40.45 -21.69
N GLY D 161 10.62 39.77 -22.09
CA GLY D 161 10.70 38.35 -22.44
C GLY D 161 11.01 37.38 -21.31
N LYS D 162 11.02 37.88 -20.08
CA LYS D 162 11.12 36.97 -18.93
C LYS D 162 9.92 37.10 -18.02
N GLU D 163 9.46 35.95 -17.52
CA GLU D 163 8.30 35.91 -16.64
C GLU D 163 8.58 36.48 -15.26
N VAL D 164 7.62 37.27 -14.76
CA VAL D 164 7.70 37.89 -13.43
C VAL D 164 6.59 37.37 -12.50
N HIS D 165 6.94 37.10 -11.25
CA HIS D 165 5.98 36.61 -10.26
C HIS D 165 5.89 37.58 -9.13
N SER D 166 6.99 38.27 -8.89
CA SER D 166 7.04 39.30 -7.85
C SER D 166 6.15 40.46 -8.21
N GLY D 167 5.36 40.95 -7.26
CA GLY D 167 4.44 42.06 -7.50
C GLY D 167 3.23 41.68 -8.34
N VAL D 168 2.99 40.39 -8.49
CA VAL D 168 1.84 39.92 -9.28
C VAL D 168 0.77 39.39 -8.36
N CYS D 169 -0.49 39.60 -8.72
CA CYS D 169 -1.61 38.85 -8.14
C CYS D 169 -2.76 38.66 -9.14
N THR D 170 -3.30 37.45 -9.19
CA THR D 170 -4.38 37.11 -10.10
C THR D 170 -5.60 36.52 -9.38
N ASP D 171 -6.78 37.03 -9.75
CA ASP D 171 -8.05 36.52 -9.24
C ASP D 171 -7.97 35.00 -9.05
N PRO D 172 -8.40 34.50 -7.87
CA PRO D 172 -8.26 33.05 -7.61
C PRO D 172 -9.11 32.25 -8.58
N GLN D 173 -10.26 32.79 -8.98
CA GLN D 173 -11.03 32.19 -10.07
C GLN D 173 -11.71 33.31 -10.90
N PRO D 174 -12.07 33.03 -12.16
CA PRO D 174 -12.66 34.07 -13.00
C PRO D 174 -14.09 34.34 -12.58
N LEU D 175 -14.64 35.49 -12.94
CA LEU D 175 -16.06 35.77 -12.69
C LEU D 175 -16.95 35.58 -13.94
N LYS D 176 -18.21 35.18 -13.71
CA LYS D 176 -19.18 35.02 -14.79
C LYS D 176 -19.70 36.36 -15.29
N GLU D 177 -19.73 36.52 -16.61
CA GLU D 177 -20.11 37.78 -17.25
C GLU D 177 -21.62 37.90 -17.35
N GLN D 178 -22.29 36.79 -17.05
CA GLN D 178 -23.71 36.63 -17.32
C GLN D 178 -24.25 35.50 -16.44
N PRO D 179 -24.28 35.70 -15.10
CA PRO D 179 -24.65 34.62 -14.17
C PRO D 179 -26.09 34.07 -14.34
N ALA D 180 -26.98 34.88 -14.93
CA ALA D 180 -28.35 34.44 -15.24
C ALA D 180 -28.40 33.44 -16.41
N LEU D 181 -27.22 33.03 -16.89
CA LEU D 181 -27.10 32.04 -17.95
C LEU D 181 -26.15 30.92 -17.55
N ASN D 182 -26.46 29.71 -18.03
CA ASN D 182 -25.75 28.48 -17.66
C ASN D 182 -24.35 28.38 -18.25
N ASP D 183 -24.20 28.92 -19.46
CA ASP D 183 -22.97 28.81 -20.22
C ASP D 183 -22.28 30.17 -20.42
N SER D 184 -22.48 31.03 -19.43
CA SER D 184 -21.83 32.32 -19.40
C SER D 184 -20.36 32.23 -19.75
N ARG D 185 -19.88 33.23 -20.47
CA ARG D 185 -18.48 33.39 -20.70
C ARG D 185 -17.87 33.96 -19.42
N TYR D 186 -16.55 33.79 -19.25
CA TYR D 186 -15.84 34.23 -18.06
C TYR D 186 -15.01 35.49 -18.27
N SER D 187 -14.59 36.10 -17.16
CA SER D 187 -13.65 37.20 -17.18
C SER D 187 -12.71 37.13 -15.99
N LEU D 188 -11.47 37.57 -16.19
CA LEU D 188 -10.43 37.41 -15.21
C LEU D 188 -9.50 38.62 -15.27
N SER D 189 -9.06 39.09 -14.11
CA SER D 189 -8.15 40.22 -14.02
C SER D 189 -6.90 39.86 -13.27
N SER D 190 -5.84 40.62 -13.51
CA SER D 190 -4.58 40.39 -12.81
C SER D 190 -3.84 41.71 -12.66
N ARG D 191 -2.97 41.80 -11.66
CA ARG D 191 -2.19 43.00 -11.43
C ARG D 191 -0.71 42.71 -11.37
N LEU D 192 0.06 43.65 -11.91
CA LEU D 192 1.51 43.68 -11.75
C LEU D 192 1.88 45.09 -11.26
N ARG D 193 2.43 45.17 -10.05
CA ARG D 193 2.89 46.45 -9.51
C ARG D 193 4.42 46.50 -9.51
N VAL D 194 4.93 47.56 -10.12
CA VAL D 194 6.37 47.80 -10.16
C VAL D 194 6.63 49.20 -9.63
N SER D 195 7.89 49.52 -9.38
CA SER D 195 8.27 50.84 -8.95
C SER D 195 8.05 51.82 -10.10
N ALA D 196 7.66 53.04 -9.78
CA ALA D 196 7.29 54.01 -10.81
C ALA D 196 8.46 54.22 -11.77
N THR D 197 9.65 54.25 -11.21
CA THR D 197 10.85 54.44 -12.01
C THR D 197 11.16 53.22 -12.92
N PHE D 198 10.59 52.06 -12.60
CA PHE D 198 10.68 50.89 -13.47
C PHE D 198 9.76 51.06 -14.69
N TRP D 199 8.52 51.49 -14.43
CA TRP D 199 7.54 51.82 -15.48
C TRP D 199 7.96 52.98 -16.33
N GLN D 200 8.54 54.00 -15.70
CA GLN D 200 8.99 55.20 -16.41
C GLN D 200 10.08 54.90 -17.45
N ASN D 201 10.77 53.78 -17.28
CA ASN D 201 11.83 53.35 -18.20
C ASN D 201 11.28 52.86 -19.54
N PRO D 202 11.49 53.63 -20.62
CA PRO D 202 10.96 53.28 -21.95
C PRO D 202 11.63 52.07 -22.62
N ARG D 203 12.56 51.41 -21.94
CA ARG D 203 13.15 50.21 -22.51
C ARG D 203 12.60 48.92 -21.91
N ASN D 204 11.75 49.06 -20.90
CA ASN D 204 11.04 47.93 -20.33
C ASN D 204 9.76 47.63 -21.08
N HIS D 205 9.65 46.39 -21.51
CA HIS D 205 8.53 45.97 -22.32
C HIS D 205 7.65 45.08 -21.49
N PHE D 206 6.39 45.47 -21.36
CA PHE D 206 5.45 44.79 -20.50
C PHE D 206 4.45 44.04 -21.33
N ARG D 207 4.25 42.77 -20.97
CA ARG D 207 3.30 41.94 -21.69
C ARG D 207 2.44 41.07 -20.76
N CYS D 208 1.13 41.23 -20.86
CA CYS D 208 0.20 40.33 -20.21
C CYS D 208 -0.14 39.23 -21.16
N GLN D 209 -0.01 37.98 -20.74
CA GLN D 209 -0.25 36.82 -21.63
C GLN D 209 -1.24 35.84 -21.03
N VAL D 210 -2.25 35.47 -21.82
CA VAL D 210 -3.20 34.43 -21.42
C VAL D 210 -3.10 33.23 -22.32
N GLN D 211 -2.81 32.08 -21.72
CA GLN D 211 -2.84 30.80 -22.42
C GLN D 211 -4.25 30.24 -22.26
N PHE D 212 -4.98 30.13 -23.36
CA PHE D 212 -6.35 29.61 -23.32
C PHE D 212 -6.33 28.16 -23.79
N TYR D 213 -7.10 27.30 -23.12
CA TYR D 213 -7.21 25.90 -23.54
C TYR D 213 -8.58 25.64 -24.15
N GLY D 214 -8.59 25.23 -25.41
CA GLY D 214 -9.84 24.98 -26.10
C GLY D 214 -9.74 23.78 -27.02
N LEU D 215 -10.12 23.97 -28.28
CA LEU D 215 -10.17 22.87 -29.21
C LEU D 215 -8.79 22.50 -29.76
N SER D 216 -8.73 21.29 -30.31
CA SER D 216 -7.57 20.78 -31.00
C SER D 216 -7.79 20.89 -32.51
N GLU D 217 -6.73 20.87 -33.30
CA GLU D 217 -6.86 20.82 -34.76
C GLU D 217 -7.77 19.65 -35.21
N ASN D 218 -7.87 18.62 -34.37
CA ASN D 218 -8.62 17.39 -34.67
C ASN D 218 -10.10 17.43 -34.33
N ASP D 219 -10.50 18.33 -33.44
CA ASP D 219 -11.92 18.47 -33.11
C ASP D 219 -12.66 19.12 -34.29
N GLU D 220 -13.89 18.68 -34.55
CA GLU D 220 -14.70 19.22 -35.65
C GLU D 220 -15.34 20.53 -35.28
N TRP D 221 -15.57 21.40 -36.26
CA TRP D 221 -16.15 22.70 -35.99
C TRP D 221 -17.21 23.03 -36.98
N THR D 222 -18.41 23.28 -36.46
CA THR D 222 -19.61 23.32 -37.28
C THR D 222 -20.18 24.72 -37.46
N GLN D 223 -19.57 25.70 -36.82
CA GLN D 223 -20.05 27.09 -36.82
C GLN D 223 -19.22 27.97 -37.76
N ASP D 224 -19.46 29.28 -37.71
CA ASP D 224 -18.84 30.21 -38.65
C ASP D 224 -17.73 31.05 -38.05
N ARG D 225 -17.86 31.42 -36.78
CA ARG D 225 -16.76 32.06 -36.07
C ARG D 225 -15.54 31.15 -36.10
N ALA D 226 -14.35 31.75 -36.11
CA ALA D 226 -13.11 31.00 -36.13
C ALA D 226 -13.11 29.94 -35.05
N LYS D 227 -12.46 28.81 -35.36
CA LYS D 227 -12.34 27.66 -34.46
C LYS D 227 -11.57 28.01 -33.19
N PRO D 228 -12.22 27.91 -32.00
CA PRO D 228 -11.65 28.36 -30.74
C PRO D 228 -10.59 27.40 -30.23
N VAL D 229 -9.51 27.29 -30.99
CA VAL D 229 -8.39 26.40 -30.68
C VAL D 229 -7.63 26.86 -29.46
N THR D 230 -6.96 25.92 -28.80
CA THR D 230 -5.93 26.20 -27.80
C THR D 230 -4.95 27.18 -28.40
N GLN D 231 -4.79 28.32 -27.73
CA GLN D 231 -4.02 29.45 -28.28
C GLN D 231 -3.58 30.41 -27.19
N ILE D 232 -2.65 31.29 -27.54
CA ILE D 232 -2.19 32.35 -26.66
C ILE D 232 -2.75 33.67 -27.18
N VAL D 233 -3.35 34.45 -26.28
CA VAL D 233 -3.76 35.81 -26.61
C VAL D 233 -3.06 36.72 -25.62
N SER D 234 -2.56 37.86 -26.10
CA SER D 234 -1.74 38.75 -25.26
C SER D 234 -1.89 40.25 -25.58
N ALA D 235 -1.48 41.08 -24.63
CA ALA D 235 -1.52 42.52 -24.79
C ALA D 235 -0.20 43.03 -24.23
N GLU D 236 0.27 44.15 -24.77
CA GLU D 236 1.58 44.66 -24.38
C GLU D 236 1.66 46.18 -24.38
N ALA D 237 2.64 46.72 -23.66
CA ALA D 237 2.92 48.15 -23.60
C ALA D 237 4.40 48.38 -23.27
N TRP D 238 4.94 49.54 -23.65
CA TRP D 238 6.29 49.92 -23.24
C TRP D 238 6.23 50.89 -22.12
N GLY D 239 7.21 50.81 -21.23
CA GLY D 239 7.34 51.83 -20.21
C GLY D 239 7.51 53.19 -20.86
N ARG D 240 7.02 54.24 -20.18
CA ARG D 240 7.09 55.62 -20.68
C ARG D 240 7.33 56.63 -19.56
N ALA D 241 8.03 57.72 -19.88
CA ALA D 241 8.33 58.79 -18.93
C ALA D 241 7.38 59.97 -19.11
#